data_3OTN
#
_entry.id   3OTN
#
_cell.length_a   74.740
_cell.length_b   92.479
_cell.length_c   152.104
_cell.angle_alpha   90.000
_cell.angle_beta   90.000
_cell.angle_gamma   90.000
#
_symmetry.space_group_name_H-M   'P 21 21 21'
#
loop_
_entity.id
_entity.type
_entity.pdbx_description
1 polymer 'SusD superfamily protein'
2 non-polymer 'CHLORIDE ION'
3 non-polymer 'ACETATE ION'
4 non-polymer 1,2-ETHANEDIOL
5 non-polymer DI(HYDROXYETHYL)ETHER
6 water water
#
_entity_poly.entity_id   1
_entity_poly.type   'polypeptide(L)'
_entity_poly.pdbx_seq_one_letter_code
;GQPTGT(MSE)TTDSKLTSKESALALTNSAYLKNTVFNK(MSE)TPGWGCNTILLLEY(MSE)TGKATSENSQSNYKDFQ
DLLVSDRSLYIEDWWQDCYAGIANCNLALQKLGEFENLDASLVNGY(MSE)AEVKF(MSE)RALYYFYLVRIFGDVPKIT
TVQSELGELQVSRAPVKEIYDEIIIPDLLEAEQSDLAFSDHTGRVS(MSE)GAVKALLADVYLTYAGYPLQGGKSYYAES
AKRSLEVIKSNEYTLFTDYESLRLPSQNNKGEFIYQVQFSLNKRHNESVRIFLPSRSGISAYDLEYGSLIPTKEFVESFE
KGDKRTEEKQYFFTNYKGHPSKFSPGAAELEF(MSE)DLNGYYIYKFFDQVAVDNTAKSDLNWSVYRYTDVLL(MSE)YA
EAQVNADGTPNQQSIDIVNQIRGRAGLAPFKQTNASAFLEEVWDQRYFDLCYENK(MSE)WFD(MSE)LRTRKIRDDKSG
EYVDFIGYKTNWGKVYTETQLLFPIPLSERQANPNLTQNQGY
;
_entity_poly.pdbx_strand_id   A,B
#
# COMPACT_ATOMS: atom_id res chain seq x y z
N LYS A 12 -26.24 -3.13 18.73
CA LYS A 12 -26.85 -4.45 19.13
C LYS A 12 -25.99 -5.69 18.71
N LEU A 13 -24.66 -5.55 18.80
CA LEU A 13 -23.80 -6.71 18.94
C LEU A 13 -23.93 -7.18 20.38
N THR A 14 -23.96 -8.48 20.61
CA THR A 14 -23.85 -9.02 21.96
C THR A 14 -22.42 -8.83 22.48
N SER A 15 -22.24 -8.98 23.76
CA SER A 15 -20.92 -8.80 24.35
C SER A 15 -19.85 -9.71 23.71
N LYS A 16 -20.21 -10.96 23.44
CA LYS A 16 -19.23 -11.86 22.84
C LYS A 16 -18.89 -11.44 21.41
N GLU A 17 -19.86 -11.01 20.64
CA GLU A 17 -19.56 -10.55 19.30
C GLU A 17 -18.63 -9.33 19.31
N SER A 18 -18.87 -8.41 20.23
CA SER A 18 -18.08 -7.17 20.32
C SER A 18 -16.63 -7.46 20.73
N ALA A 19 -16.47 -8.29 21.77
CA ALA A 19 -15.16 -8.76 22.23
C ALA A 19 -14.41 -9.54 21.15
N LEU A 20 -15.10 -10.43 20.42
CA LEU A 20 -14.47 -11.18 19.33
C LEU A 20 -13.97 -10.25 18.19
N ALA A 21 -14.80 -9.25 17.86
CA ALA A 21 -14.43 -8.27 16.83
C ALA A 21 -13.19 -7.47 17.26
N LEU A 22 -13.14 -7.03 18.50
CA LEU A 22 -11.94 -6.34 19.03
C LEU A 22 -10.72 -7.25 18.93
N THR A 23 -10.88 -8.51 19.34
CA THR A 23 -9.79 -9.50 19.30
C THR A 23 -9.33 -9.76 17.88
N ASN A 24 -10.31 -9.93 16.98
CA ASN A 24 -10.00 -10.12 15.56
C ASN A 24 -9.28 -8.93 14.91
N SER A 25 -9.53 -7.73 15.41
CA SER A 25 -8.91 -6.51 14.85
C SER A 25 -7.37 -6.60 14.95
N ALA A 26 -6.89 -7.36 15.94
CA ALA A 26 -5.44 -7.54 16.15
C ALA A 26 -4.78 -8.35 15.05
N TYR A 27 -5.56 -9.21 14.41
CA TYR A 27 -5.09 -10.05 13.30
C TYR A 27 -5.01 -9.32 11.96
N LEU A 28 -5.70 -8.20 11.82
CA LEU A 28 -5.91 -7.57 10.51
C LEU A 28 -4.61 -7.21 9.84
N LYS A 29 -3.68 -6.66 10.60
CA LYS A 29 -2.41 -6.21 10.02
C LYS A 29 -1.37 -7.33 9.93
N ASN A 30 -1.77 -8.58 10.18
CA ASN A 30 -0.98 -9.76 9.77
C ASN A 30 -0.71 -9.84 8.25
N THR A 31 -1.45 -9.09 7.45
CA THR A 31 -1.18 -8.89 6.05
C THR A 31 0.26 -8.45 5.82
N VAL A 32 0.84 -7.71 6.76
CA VAL A 32 2.23 -7.22 6.57
C VAL A 32 3.28 -8.32 6.38
N PHE A 33 3.02 -9.51 6.93
CA PHE A 33 3.99 -10.61 6.88
C PHE A 33 4.05 -11.24 5.48
N ASN A 34 3.05 -10.96 4.64
CA ASN A 34 3.08 -11.36 3.21
C ASN A 34 1.99 -10.61 2.52
N LYS A 35 2.36 -9.51 1.88
CA LYS A 35 1.41 -8.80 1.06
C LYS A 35 2.12 -8.13 -0.10
N THR A 37 3.01 -5.10 -2.54
CA THR A 37 3.31 -3.68 -2.34
C THR A 37 3.44 -2.96 -3.72
N PRO A 38 3.51 -1.63 -3.72
CA PRO A 38 3.58 -0.92 -5.04
C PRO A 38 4.80 -1.32 -5.80
N GLY A 39 4.66 -1.51 -7.11
CA GLY A 39 5.74 -2.01 -7.94
C GLY A 39 5.27 -3.29 -8.59
N TRP A 40 6.11 -3.91 -9.40
CA TRP A 40 5.73 -5.15 -10.06
C TRP A 40 6.40 -6.27 -9.35
N GLY A 41 5.59 -7.20 -8.88
CA GLY A 41 6.13 -8.32 -8.13
C GLY A 41 6.82 -7.89 -6.85
N CYS A 42 6.35 -6.82 -6.22
CA CYS A 42 6.92 -6.35 -4.93
C CYS A 42 6.03 -6.86 -3.79
N ASN A 43 6.65 -7.32 -2.74
CA ASN A 43 5.95 -7.94 -1.61
C ASN A 43 6.83 -7.74 -0.42
N THR A 44 6.21 -7.58 0.75
CA THR A 44 6.91 -7.36 2.01
C THR A 44 7.95 -8.45 2.32
N ILE A 45 7.69 -9.68 1.88
CA ILE A 45 8.64 -10.78 2.13
C ILE A 45 10.01 -10.58 1.52
N LEU A 46 10.09 -9.75 0.48
CA LEU A 46 11.35 -9.52 -0.20
C LEU A 46 12.37 -8.78 0.65
N LEU A 47 11.92 -7.92 1.57
CA LEU A 47 12.84 -7.16 2.43
C LEU A 47 13.79 -8.06 3.19
N LEU A 48 13.23 -9.19 3.66
CA LEU A 48 13.97 -10.14 4.49
C LEU A 48 14.71 -11.20 3.69
N GLU A 49 14.58 -11.19 2.37
CA GLU A 49 15.37 -12.07 1.49
C GLU A 49 16.41 -11.38 0.68
N TYR A 50 16.24 -10.10 0.44
CA TYR A 50 17.17 -9.40 -0.48
C TYR A 50 18.54 -9.10 0.04
N THR A 52 20.29 -11.36 2.16
CA THR A 52 21.00 -12.58 2.50
C THR A 52 22.15 -12.89 1.57
N GLY A 53 22.10 -12.37 0.35
CA GLY A 53 23.03 -12.77 -0.70
C GLY A 53 22.74 -14.11 -1.36
N LYS A 54 21.59 -14.71 -1.02
CA LYS A 54 21.16 -16.00 -1.56
C LYS A 54 19.97 -15.90 -2.53
N ALA A 55 19.54 -14.67 -2.83
CA ALA A 55 18.44 -14.45 -3.75
C ALA A 55 18.75 -13.25 -4.61
N THR A 56 18.30 -13.31 -5.86
CA THR A 56 18.32 -12.18 -6.78
C THR A 56 16.89 -12.01 -7.36
N SER A 57 16.79 -11.16 -8.38
CA SER A 57 15.53 -10.85 -9.05
C SER A 57 15.78 -10.83 -10.54
N GLU A 58 14.80 -11.30 -11.31
CA GLU A 58 14.73 -11.04 -12.76
C GLU A 58 13.84 -9.80 -13.06
N ASN A 59 13.27 -9.19 -12.01
CA ASN A 59 12.24 -8.15 -12.08
C ASN A 59 12.86 -6.82 -11.63
N SER A 60 13.04 -5.92 -12.60
CA SER A 60 13.66 -4.59 -12.42
C SER A 60 12.93 -3.62 -11.46
N GLN A 61 11.61 -3.81 -11.34
CA GLN A 61 10.75 -2.97 -10.51
C GLN A 61 10.77 -3.34 -9.02
N SER A 62 11.39 -4.48 -8.68
CA SER A 62 11.43 -4.97 -7.28
C SER A 62 12.45 -4.25 -6.41
N ASN A 63 13.25 -3.36 -7.02
CA ASN A 63 14.28 -2.61 -6.31
C ASN A 63 15.33 -3.55 -5.73
N TYR A 64 15.47 -4.78 -6.26
CA TYR A 64 16.59 -5.63 -5.81
C TYR A 64 17.89 -4.89 -5.96
N LYS A 65 18.03 -4.06 -7.01
CA LYS A 65 19.27 -3.30 -7.27
C LYS A 65 19.86 -2.56 -6.07
N ASP A 66 19.03 -1.79 -5.34
CA ASP A 66 19.50 -1.07 -4.12
C ASP A 66 20.21 -2.06 -3.13
N PHE A 67 19.60 -3.21 -2.95
CA PHE A 67 20.05 -4.24 -2.01
C PHE A 67 21.34 -4.89 -2.55
N GLN A 68 21.34 -5.29 -3.83
CA GLN A 68 22.57 -5.80 -4.47
C GLN A 68 23.76 -4.85 -4.43
N ASP A 69 23.48 -3.56 -4.60
CA ASP A 69 24.53 -2.57 -4.69
C ASP A 69 24.99 -2.02 -3.35
N LEU A 70 24.36 -2.47 -2.26
CA LEU A 70 24.58 -1.88 -0.95
C LEU A 70 24.34 -0.36 -0.99
N LEU A 71 23.22 0.02 -1.61
CA LEU A 71 22.76 1.41 -1.68
C LEU A 71 21.34 1.58 -1.13
N VAL A 72 20.91 0.66 -0.30
CA VAL A 72 19.67 0.79 0.45
C VAL A 72 19.67 2.15 1.18
N SER A 73 18.52 2.83 1.11
CA SER A 73 18.37 4.19 1.65
C SER A 73 17.01 4.33 2.32
N ASP A 74 16.78 5.51 2.91
CA ASP A 74 15.47 5.80 3.52
C ASP A 74 14.33 5.85 2.50
N ARG A 75 14.65 5.89 1.20
CA ARG A 75 13.67 5.81 0.12
C ARG A 75 13.48 4.38 -0.46
N SER A 76 14.22 3.39 0.03
CA SER A 76 14.07 2.02 -0.51
C SER A 76 12.65 1.44 -0.29
N LEU A 77 12.28 0.50 -1.13
CA LEU A 77 11.01 -0.17 -1.02
C LEU A 77 10.88 -1.01 0.26
N TYR A 78 9.63 -1.41 0.53
CA TYR A 78 9.24 -2.33 1.61
C TYR A 78 9.25 -1.76 3.01
N ILE A 79 10.27 -0.98 3.36
CA ILE A 79 10.42 -0.48 4.70
C ILE A 79 9.20 0.36 5.16
N GLU A 80 8.60 1.15 4.27
CA GLU A 80 7.40 1.92 4.61
CA GLU A 80 7.43 1.93 4.63
C GLU A 80 6.25 1.02 5.02
N ASP A 81 6.05 -0.04 4.25
CA ASP A 81 4.93 -0.97 4.46
C ASP A 81 5.09 -1.68 5.80
N TRP A 82 6.31 -2.10 6.07
CA TRP A 82 6.60 -2.80 7.31
C TRP A 82 6.39 -1.90 8.51
N TRP A 83 6.89 -0.65 8.43
CA TRP A 83 6.70 0.29 9.56
C TRP A 83 5.24 0.67 9.79
N GLN A 84 4.57 1.12 8.75
CA GLN A 84 3.19 1.60 8.86
C GLN A 84 2.23 0.49 9.30
N ASP A 85 2.38 -0.71 8.73
CA ASP A 85 1.41 -1.77 9.05
C ASP A 85 1.66 -2.40 10.39
N CYS A 86 2.93 -2.59 10.79
CA CYS A 86 3.22 -3.02 12.16
C CYS A 86 2.66 -2.02 13.16
N TYR A 87 2.90 -0.73 12.94
CA TYR A 87 2.36 0.26 13.86
C TYR A 87 0.83 0.35 13.83
N ALA A 88 0.22 0.18 12.66
CA ALA A 88 -1.27 0.09 12.59
C ALA A 88 -1.76 -1.10 13.41
N GLY A 89 -1.09 -2.25 13.27
CA GLY A 89 -1.40 -3.43 14.06
C GLY A 89 -1.30 -3.20 15.56
N ILE A 90 -0.23 -2.51 15.97
CA ILE A 90 0.01 -2.16 17.38
C ILE A 90 -1.10 -1.24 17.89
N ALA A 91 -1.51 -0.27 17.06
CA ALA A 91 -2.64 0.64 17.43
C ALA A 91 -3.92 -0.16 17.60
N ASN A 92 -4.15 -1.13 16.71
CA ASN A 92 -5.30 -2.03 16.87
C ASN A 92 -5.23 -2.78 18.18
N CYS A 93 -4.05 -3.31 18.52
CA CYS A 93 -3.87 -4.04 19.75
C CYS A 93 -4.07 -3.20 20.99
N ASN A 94 -3.51 -1.99 21.00
CA ASN A 94 -3.63 -1.12 22.17
C ASN A 94 -5.08 -0.77 22.46
N LEU A 95 -5.83 -0.49 21.41
CA LEU A 95 -7.25 -0.15 21.56
C LEU A 95 -8.08 -1.38 21.97
N ALA A 96 -7.78 -2.52 21.33
CA ALA A 96 -8.39 -3.80 21.68
C ALA A 96 -8.19 -4.16 23.18
N LEU A 97 -6.96 -4.00 23.68
CA LEU A 97 -6.68 -4.29 25.08
C LEU A 97 -7.38 -3.32 26.02
N GLN A 98 -7.48 -2.05 25.64
CA GLN A 98 -8.19 -1.07 26.48
C GLN A 98 -9.67 -1.43 26.55
N LYS A 99 -10.28 -1.72 25.41
CA LYS A 99 -11.71 -2.05 25.38
C LYS A 99 -12.03 -3.42 26.02
N LEU A 100 -11.19 -4.43 25.77
CA LEU A 100 -11.39 -5.75 26.41
C LEU A 100 -11.39 -5.70 27.94
N GLY A 101 -10.59 -4.79 28.51
CA GLY A 101 -10.53 -4.59 29.96
C GLY A 101 -11.76 -3.93 30.56
N GLU A 102 -12.62 -3.35 29.72
CA GLU A 102 -13.85 -2.70 30.16
C GLU A 102 -15.08 -3.61 30.12
N PHE A 103 -14.92 -4.85 29.63
CA PHE A 103 -16.01 -5.85 29.68
C PHE A 103 -16.15 -6.36 31.11
N GLU A 104 -17.31 -6.23 31.71
CA GLU A 104 -17.52 -6.67 33.11
C GLU A 104 -18.37 -7.94 33.24
N ASN A 105 -19.48 -8.00 32.51
CA ASN A 105 -20.41 -9.13 32.63
C ASN A 105 -20.01 -10.42 31.87
N LEU A 106 -19.18 -10.31 30.82
CA LEU A 106 -18.81 -11.46 29.98
C LEU A 106 -17.78 -12.37 30.66
N ASP A 107 -17.95 -13.67 30.46
CA ASP A 107 -17.12 -14.70 31.07
C ASP A 107 -15.65 -14.31 31.10
N ALA A 108 -15.03 -14.36 32.30
CA ALA A 108 -13.63 -13.94 32.48
C ALA A 108 -12.64 -14.83 31.73
N SER A 109 -12.90 -16.12 31.73
CA SER A 109 -12.05 -17.06 31.00
C SER A 109 -12.00 -16.72 29.49
N LEU A 110 -13.15 -16.43 28.89
CA LEU A 110 -13.24 -16.08 27.48
C LEU A 110 -12.52 -14.77 27.20
N VAL A 111 -12.76 -13.76 28.04
CA VAL A 111 -12.04 -12.45 27.92
C VAL A 111 -10.52 -12.60 28.13
N ASN A 112 -10.10 -13.39 29.13
CA ASN A 112 -8.67 -13.67 29.37
C ASN A 112 -7.97 -14.26 28.13
N GLY A 113 -8.62 -15.22 27.47
CA GLY A 113 -8.10 -15.80 26.22
C GLY A 113 -7.92 -14.78 25.13
N TYR A 114 -8.96 -13.97 24.96
CA TYR A 114 -8.96 -12.95 23.94
C TYR A 114 -7.82 -11.96 24.15
N ALA A 116 -5.08 -12.50 25.77
CA ALA A 116 -3.84 -13.24 25.46
C ALA A 116 -3.52 -13.23 23.96
N GLU A 117 -4.54 -13.34 23.11
CA GLU A 117 -4.32 -13.34 21.66
C GLU A 117 -3.74 -11.96 21.23
N VAL A 118 -4.30 -10.91 21.79
CA VAL A 118 -3.95 -9.53 21.47
C VAL A 118 -2.56 -9.23 22.02
N LYS A 119 -2.25 -9.70 23.23
CA LYS A 119 -0.91 -9.45 23.76
C LYS A 119 0.13 -10.20 22.93
N PHE A 120 -0.18 -11.44 22.53
CA PHE A 120 0.68 -12.18 21.60
C PHE A 120 0.96 -11.33 20.37
N ARG A 122 0.72 -8.04 19.78
CA ARG A 122 1.47 -6.85 20.02
C ARG A 122 2.95 -7.20 20.11
N ALA A 123 3.26 -8.25 20.87
CA ALA A 123 4.61 -8.76 20.95
C ALA A 123 5.17 -9.13 19.59
N LEU A 124 4.36 -9.77 18.75
CA LEU A 124 4.76 -10.19 17.42
C LEU A 124 5.14 -8.99 16.52
N TYR A 125 4.27 -7.98 16.49
CA TYR A 125 4.51 -6.80 15.65
C TYR A 125 5.81 -6.10 16.09
N TYR A 126 5.98 -5.93 17.41
CA TYR A 126 7.17 -5.29 17.95
C TYR A 126 8.44 -6.09 17.72
N PHE A 127 8.34 -7.41 17.79
CA PHE A 127 9.50 -8.28 17.55
C PHE A 127 9.99 -8.14 16.12
N TYR A 128 9.08 -8.01 15.15
CA TYR A 128 9.49 -7.74 13.76
C TYR A 128 10.11 -6.32 13.68
N LEU A 129 9.42 -5.33 14.25
CA LEU A 129 9.94 -3.94 14.23
C LEU A 129 11.35 -3.81 14.79
N VAL A 130 11.61 -4.40 15.95
CA VAL A 130 12.93 -4.22 16.59
C VAL A 130 14.03 -4.92 15.82
N ARG A 131 13.73 -6.07 15.21
CA ARG A 131 14.74 -6.82 14.44
C ARG A 131 15.10 -6.16 13.11
N ILE A 132 14.10 -5.52 12.50
CA ILE A 132 14.24 -4.85 11.20
C ILE A 132 14.90 -3.49 11.36
N PHE A 133 14.39 -2.69 12.30
CA PHE A 133 14.74 -1.28 12.44
C PHE A 133 15.52 -0.89 13.66
N GLY A 134 15.63 -1.79 14.65
CA GLY A 134 16.37 -1.49 15.86
C GLY A 134 15.50 -0.71 16.83
N ASP A 135 16.00 0.39 17.36
CA ASP A 135 15.23 1.23 18.28
C ASP A 135 13.95 1.70 17.56
N VAL A 136 12.82 1.63 18.23
CA VAL A 136 11.52 2.07 17.67
C VAL A 136 10.69 2.67 18.77
N PRO A 137 9.68 3.51 18.40
CA PRO A 137 8.79 4.07 19.43
C PRO A 137 8.09 3.02 20.29
N LYS A 138 8.08 3.30 21.59
CA LYS A 138 7.53 2.44 22.61
C LYS A 138 6.10 2.93 22.92
N ILE A 139 5.11 2.29 22.30
CA ILE A 139 3.71 2.72 22.32
C ILE A 139 2.82 1.56 22.76
N THR A 140 2.25 1.69 23.95
CA THR A 140 1.29 0.75 24.48
C THR A 140 0.00 1.43 24.91
N THR A 141 -0.17 2.71 24.62
CA THR A 141 -1.38 3.43 25.00
C THR A 141 -2.10 3.86 23.74
N VAL A 142 -3.42 4.04 23.83
CA VAL A 142 -4.21 4.47 22.71
C VAL A 142 -3.73 5.88 22.31
N GLN A 143 -3.80 6.18 21.01
CA GLN A 143 -3.22 7.42 20.47
C GLN A 143 -3.71 8.71 21.10
N SER A 144 -5.02 8.77 21.40
CA SER A 144 -5.60 9.95 22.04
C SER A 144 -5.07 10.19 23.46
N GLU A 145 -4.51 9.16 24.09
CA GLU A 145 -3.99 9.29 25.47
C GLU A 145 -2.47 9.43 25.50
N LEU A 146 -1.82 9.45 24.35
CA LEU A 146 -0.41 9.86 24.26
C LEU A 146 -0.28 11.36 24.52
N GLY A 147 0.76 11.73 25.24
CA GLY A 147 1.04 13.13 25.55
C GLY A 147 1.53 13.95 24.35
N GLU A 148 2.38 13.36 23.51
CA GLU A 148 2.94 14.03 22.34
C GLU A 148 3.06 13.01 21.21
N LEU A 149 2.45 13.31 20.07
CA LEU A 149 2.40 12.37 18.95
C LEU A 149 3.71 12.29 18.15
N GLN A 150 4.56 13.32 18.27
CA GLN A 150 5.93 13.30 17.75
C GLN A 150 6.81 12.46 18.70
N VAL A 151 6.54 11.14 18.74
CA VAL A 151 7.29 10.21 19.61
C VAL A 151 8.75 10.07 19.18
N SER A 152 9.57 9.49 20.06
CA SER A 152 10.96 9.20 19.79
C SER A 152 11.15 7.69 19.80
N ARG A 153 12.23 7.25 19.18
CA ARG A 153 12.57 5.84 19.16
C ARG A 153 13.14 5.48 20.53
N ALA A 154 12.72 4.34 21.09
CA ALA A 154 13.18 3.90 22.41
C ALA A 154 14.21 2.78 22.19
N PRO A 155 15.08 2.54 23.19
CA PRO A 155 16.07 1.46 22.98
C PRO A 155 15.44 0.09 22.72
N VAL A 156 16.06 -0.70 21.86
CA VAL A 156 15.64 -2.07 21.62
C VAL A 156 15.41 -2.81 22.94
N LYS A 157 16.36 -2.73 23.87
CA LYS A 157 16.23 -3.45 25.15
C LYS A 157 14.95 -3.12 25.92
N GLU A 158 14.54 -1.85 25.90
CA GLU A 158 13.28 -1.44 26.51
C GLU A 158 12.05 -2.06 25.83
N ILE A 159 12.06 -2.15 24.50
CA ILE A 159 10.94 -2.73 23.77
C ILE A 159 10.80 -4.20 24.19
N TYR A 160 11.91 -4.93 24.22
CA TYR A 160 11.89 -6.31 24.70
C TYR A 160 11.46 -6.41 26.19
N ASP A 161 12.08 -5.64 27.07
CA ASP A 161 11.85 -5.80 28.52
C ASP A 161 10.48 -5.29 28.99
N GLU A 162 9.97 -4.25 28.34
CA GLU A 162 8.72 -3.62 28.75
C GLU A 162 7.50 -4.05 27.96
N ILE A 163 7.68 -4.46 26.71
CA ILE A 163 6.54 -4.83 25.87
C ILE A 163 6.56 -6.30 25.51
N ILE A 164 7.54 -6.70 24.71
CA ILE A 164 7.53 -8.02 24.10
C ILE A 164 7.49 -9.14 25.16
N ILE A 165 8.44 -9.14 26.08
CA ILE A 165 8.55 -10.23 27.05
C ILE A 165 7.37 -10.24 28.03
N PRO A 166 7.03 -9.10 28.64
CA PRO A 166 5.87 -9.14 29.55
C PRO A 166 4.57 -9.56 28.87
N ASP A 167 4.34 -9.13 27.62
CA ASP A 167 3.12 -9.55 26.88
C ASP A 167 3.08 -11.06 26.76
N LEU A 168 4.22 -11.64 26.37
CA LEU A 168 4.28 -13.07 26.11
C LEU A 168 4.21 -13.86 27.42
N LEU A 169 4.81 -13.34 28.50
CA LEU A 169 4.79 -14.06 29.77
C LEU A 169 3.37 -14.06 30.34
N GLU A 170 2.64 -12.97 30.12
CA GLU A 170 1.24 -12.93 30.55
C GLU A 170 0.40 -13.87 29.65
N ALA A 171 0.63 -13.84 28.34
CA ALA A 171 -0.13 -14.73 27.43
C ALA A 171 0.10 -16.21 27.79
N GLU A 172 1.34 -16.51 28.16
CA GLU A 172 1.73 -17.83 28.62
C GLU A 172 0.97 -18.32 29.90
N GLN A 173 0.56 -17.40 30.74
CA GLN A 173 -0.21 -17.72 31.95
C GLN A 173 -1.72 -17.61 31.75
N SER A 174 -2.19 -17.70 30.51
CA SER A 174 -3.60 -17.46 30.20
C SER A 174 -4.35 -18.75 29.95
N ASP A 175 -5.63 -18.61 29.66
CA ASP A 175 -6.49 -19.73 29.26
C ASP A 175 -6.47 -20.16 27.77
N LEU A 176 -5.47 -19.74 26.98
CA LEU A 176 -5.41 -20.08 25.55
C LEU A 176 -5.24 -21.56 25.28
N ALA A 177 -5.96 -22.08 24.26
CA ALA A 177 -5.80 -23.46 23.83
C ALA A 177 -4.38 -23.70 23.37
N PHE A 178 -3.83 -24.91 23.54
CA PHE A 178 -2.44 -25.14 23.12
C PHE A 178 -2.23 -25.10 21.61
N SER A 179 -3.20 -25.63 20.85
CA SER A 179 -3.13 -25.63 19.41
C SER A 179 -4.46 -25.18 18.83
N ASP A 180 -4.43 -24.72 17.58
CA ASP A 180 -5.63 -24.34 16.85
C ASP A 180 -5.41 -24.57 15.37
N HIS A 181 -6.36 -25.22 14.72
CA HIS A 181 -6.27 -25.63 13.31
CA HIS A 181 -6.18 -25.57 13.32
C HIS A 181 -7.11 -24.77 12.39
N THR A 182 -7.51 -23.59 12.87
CA THR A 182 -8.29 -22.67 12.08
C THR A 182 -7.57 -21.36 11.85
N GLY A 183 -6.41 -21.16 12.45
CA GLY A 183 -5.62 -19.97 12.20
C GLY A 183 -5.52 -19.05 13.42
N ARG A 184 -6.21 -19.35 14.52
CA ARG A 184 -6.17 -18.43 15.70
C ARG A 184 -4.85 -18.63 16.47
N VAL A 185 -4.45 -17.60 17.20
CA VAL A 185 -3.32 -17.69 18.12
C VAL A 185 -3.60 -18.83 19.15
N SER A 186 -2.57 -19.59 19.49
CA SER A 186 -2.66 -20.71 20.43
C SER A 186 -1.46 -20.62 21.36
N GLY A 188 0.79 -22.79 21.58
CA GLY A 188 1.95 -23.20 20.76
C GLY A 188 2.59 -22.01 20.03
N ALA A 189 1.76 -21.10 19.51
CA ALA A 189 2.24 -19.90 18.88
C ALA A 189 2.98 -19.00 19.87
N VAL A 190 2.42 -18.85 21.07
CA VAL A 190 3.05 -18.04 22.11
C VAL A 190 4.40 -18.63 22.48
N LYS A 191 4.46 -19.94 22.66
CA LYS A 191 5.74 -20.60 23.04
C LYS A 191 6.76 -20.52 21.92
N ALA A 192 6.33 -20.65 20.67
CA ALA A 192 7.24 -20.55 19.51
C ALA A 192 7.84 -19.14 19.40
N LEU A 193 6.98 -18.13 19.52
CA LEU A 193 7.43 -16.76 19.49
C LEU A 193 8.34 -16.43 20.66
N LEU A 194 7.94 -16.85 21.86
CA LEU A 194 8.74 -16.55 23.06
C LEU A 194 10.09 -17.31 23.01
N ALA A 195 10.12 -18.52 22.45
CA ALA A 195 11.41 -19.20 22.22
C ALA A 195 12.35 -18.33 21.34
N ASP A 196 11.79 -17.78 20.29
CA ASP A 196 12.52 -16.99 19.33
C ASP A 196 12.96 -15.66 19.96
N VAL A 197 12.06 -15.04 20.73
CA VAL A 197 12.38 -13.82 21.46
C VAL A 197 13.59 -14.00 22.38
N TYR A 198 13.56 -15.01 23.23
CA TYR A 198 14.66 -15.26 24.14
C TYR A 198 15.97 -15.70 23.46
N LEU A 199 15.86 -16.54 22.41
CA LEU A 199 17.03 -16.91 21.62
C LEU A 199 17.70 -15.68 21.01
N THR A 200 16.89 -14.77 20.47
CA THR A 200 17.37 -13.51 19.85
C THR A 200 17.96 -12.57 20.89
N TYR A 201 17.28 -12.45 22.03
CA TYR A 201 17.76 -11.64 23.16
C TYR A 201 19.14 -12.06 23.63
N ALA A 202 19.41 -13.36 23.58
CA ALA A 202 20.74 -13.89 23.92
C ALA A 202 21.79 -13.59 22.85
N GLY A 203 21.34 -13.43 21.60
CA GLY A 203 22.21 -13.08 20.48
C GLY A 203 22.31 -11.59 20.30
N TYR A 204 22.72 -11.17 19.12
CA TYR A 204 22.89 -9.74 18.84
C TYR A 204 21.57 -9.09 18.43
N PRO A 205 21.39 -7.79 18.73
CA PRO A 205 22.37 -6.88 19.38
C PRO A 205 22.47 -6.96 20.92
N LEU A 206 21.48 -7.51 21.61
CA LEU A 206 21.40 -7.31 23.07
C LEU A 206 22.42 -8.11 23.91
N GLN A 207 22.76 -9.31 23.45
CA GLN A 207 23.69 -10.21 24.14
C GLN A 207 23.34 -10.34 25.60
N GLY A 208 22.10 -10.72 25.84
CA GLY A 208 21.53 -10.61 27.16
C GLY A 208 22.07 -11.53 28.23
N GLY A 209 22.69 -12.63 27.82
CA GLY A 209 23.26 -13.58 28.77
C GLY A 209 22.81 -15.00 28.47
N LYS A 210 23.64 -15.97 28.88
CA LYS A 210 23.35 -17.37 28.58
C LYS A 210 22.03 -17.88 29.15
N SER A 211 21.56 -17.33 30.27
CA SER A 211 20.31 -17.78 30.84
C SER A 211 19.14 -17.60 29.84
N TYR A 212 19.28 -16.63 28.93
CA TYR A 212 18.25 -16.43 27.90
C TYR A 212 18.17 -17.60 26.94
N TYR A 213 19.29 -18.26 26.66
CA TYR A 213 19.23 -19.52 25.89
C TYR A 213 18.42 -20.58 26.65
N ALA A 214 18.63 -20.70 27.96
CA ALA A 214 17.90 -21.69 28.75
C ALA A 214 16.40 -21.33 28.79
N GLU A 215 16.06 -20.04 28.93
CA GLU A 215 14.64 -19.64 28.90
CA GLU A 215 14.64 -19.64 28.89
C GLU A 215 14.00 -19.99 27.54
N SER A 216 14.76 -19.81 26.45
CA SER A 216 14.29 -20.18 25.09
C SER A 216 13.99 -21.66 24.99
N ALA A 217 15.00 -22.47 25.32
CA ALA A 217 14.92 -23.93 25.28
C ALA A 217 13.69 -24.48 26.06
N LYS A 218 13.34 -23.87 27.20
CA LYS A 218 12.16 -24.25 27.99
CA LYS A 218 12.16 -24.28 27.97
C LYS A 218 10.90 -24.21 27.12
N ARG A 219 10.74 -23.13 26.36
CA ARG A 219 9.54 -22.92 25.56
C ARG A 219 9.43 -23.85 24.38
N SER A 220 10.50 -23.98 23.61
CA SER A 220 10.50 -24.89 22.47
C SER A 220 10.30 -26.34 22.92
N LEU A 221 10.91 -26.72 24.07
CA LEU A 221 10.73 -28.06 24.62
C LEU A 221 9.27 -28.32 25.00
N GLU A 222 8.59 -27.30 25.55
CA GLU A 222 7.15 -27.42 25.85
C GLU A 222 6.37 -27.75 24.59
N VAL A 223 6.69 -27.09 23.47
CA VAL A 223 6.00 -27.36 22.21
C VAL A 223 6.24 -28.82 21.76
N ILE A 224 7.46 -29.29 21.86
CA ILE A 224 7.81 -30.69 21.55
C ILE A 224 7.01 -31.66 22.43
N LYS A 225 7.05 -31.44 23.74
CA LYS A 225 6.38 -32.35 24.71
C LYS A 225 4.86 -32.33 24.62
N SER A 226 4.29 -31.25 24.06
CA SER A 226 2.85 -31.17 23.86
C SER A 226 2.28 -32.23 22.93
N ASN A 227 3.07 -32.75 21.97
CA ASN A 227 2.57 -33.74 20.99
C ASN A 227 1.42 -33.21 20.12
N GLU A 228 1.28 -31.89 20.01
CA GLU A 228 0.25 -31.28 19.20
C GLU A 228 0.71 -30.98 17.78
N TYR A 229 2.01 -31.16 17.50
CA TYR A 229 2.59 -30.89 16.17
C TYR A 229 3.46 -32.09 15.81
N THR A 230 3.56 -32.34 14.51
CA THR A 230 4.33 -33.46 13.96
C THR A 230 5.08 -32.94 12.75
N LEU A 231 6.24 -33.51 12.48
CA LEU A 231 7.02 -33.17 11.30
C LEU A 231 6.33 -33.73 10.03
N PHE A 232 6.32 -32.95 8.96
CA PHE A 232 5.89 -33.46 7.65
C PHE A 232 6.92 -34.48 7.18
N THR A 233 6.46 -35.50 6.48
CA THR A 233 7.34 -36.56 6.00
C THR A 233 7.99 -36.16 4.71
N ASP A 234 7.39 -35.25 3.98
CA ASP A 234 8.03 -34.72 2.76
C ASP A 234 7.79 -33.22 2.58
N TYR A 235 8.27 -32.65 1.49
CA TYR A 235 8.28 -31.21 1.28
C TYR A 235 7.05 -30.68 0.60
N GLU A 236 6.33 -31.55 -0.10
CA GLU A 236 5.08 -31.14 -0.78
C GLU A 236 4.07 -30.49 0.20
N SER A 237 4.05 -30.93 1.44
CA SER A 237 3.15 -30.30 2.42
C SER A 237 3.27 -28.78 2.54
N LEU A 238 4.47 -28.23 2.29
CA LEU A 238 4.72 -26.78 2.41
C LEU A 238 4.00 -25.98 1.32
N ARG A 239 3.54 -26.67 0.26
CA ARG A 239 2.88 -26.06 -0.87
C ARG A 239 1.53 -26.70 -1.19
N LEU A 240 0.94 -27.40 -0.20
CA LEU A 240 -0.38 -27.94 -0.30
C LEU A 240 -1.37 -27.15 0.55
N PRO A 241 -2.35 -26.49 -0.08
CA PRO A 241 -3.35 -25.76 0.74
C PRO A 241 -4.11 -26.61 1.78
N SER A 242 -4.31 -27.89 1.49
CA SER A 242 -4.99 -28.80 2.41
C SER A 242 -4.30 -28.96 3.75
N GLN A 243 -2.99 -28.72 3.79
CA GLN A 243 -2.19 -28.72 5.02
C GLN A 243 -2.20 -27.42 5.82
N ASN A 244 -2.90 -26.38 5.37
CA ASN A 244 -3.03 -25.09 6.09
C ASN A 244 -3.43 -25.27 7.58
N ASN A 245 -2.63 -24.71 8.49
CA ASN A 245 -2.90 -24.70 9.96
C ASN A 245 -2.81 -26.07 10.67
N LYS A 246 -2.22 -27.08 10.00
CA LYS A 246 -2.11 -28.44 10.51
C LYS A 246 -0.68 -28.90 10.40
N GLY A 247 -0.42 -30.07 10.95
CA GLY A 247 0.87 -30.75 10.77
C GLY A 247 1.94 -29.98 11.52
N GLU A 248 2.84 -29.33 10.79
CA GLU A 248 3.88 -28.50 11.41
C GLU A 248 3.43 -27.09 11.74
N PHE A 249 2.38 -26.62 11.09
CA PHE A 249 2.09 -25.19 11.11
C PHE A 249 1.51 -24.76 12.45
N ILE A 250 2.16 -23.74 13.04
CA ILE A 250 1.82 -23.22 14.39
C ILE A 250 1.13 -21.87 14.26
N TYR A 251 1.71 -20.97 13.48
CA TYR A 251 1.05 -19.70 13.16
C TYR A 251 1.34 -19.30 11.71
N GLN A 252 0.31 -18.85 10.99
CA GLN A 252 0.45 -18.57 9.59
C GLN A 252 -0.35 -17.34 9.20
N VAL A 253 0.07 -16.72 8.11
CA VAL A 253 -0.75 -15.77 7.40
C VAL A 253 -1.79 -16.56 6.60
N GLN A 254 -3.05 -16.14 6.69
CA GLN A 254 -4.19 -16.90 6.11
C GLN A 254 -4.54 -16.40 4.73
N PHE A 255 -4.58 -17.36 3.80
CA PHE A 255 -5.03 -17.15 2.43
C PHE A 255 -6.12 -18.17 2.14
N SER A 256 -7.20 -17.73 1.53
CA SER A 256 -8.31 -18.61 1.18
C SER A 256 -9.05 -18.09 -0.02
N LEU A 257 -9.74 -18.99 -0.73
CA LEU A 257 -10.50 -18.59 -1.92
C LEU A 257 -11.58 -17.53 -1.60
N ASN A 258 -12.21 -17.59 -0.43
CA ASN A 258 -13.25 -16.60 -0.04
C ASN A 258 -12.72 -15.35 0.71
N LYS A 259 -11.44 -15.35 1.09
CA LYS A 259 -10.76 -14.13 1.61
C LYS A 259 -9.60 -13.66 0.71
N ARG A 260 -8.41 -13.43 1.25
CA ARG A 260 -7.28 -12.97 0.45
CA ARG A 260 -7.26 -12.98 0.45
C ARG A 260 -6.61 -14.16 -0.27
N HIS A 261 -6.25 -13.96 -1.53
CA HIS A 261 -5.52 -14.95 -2.31
C HIS A 261 -4.02 -14.70 -2.11
N ASN A 262 -3.24 -15.77 -2.13
CA ASN A 262 -1.78 -15.68 -1.95
C ASN A 262 -1.11 -15.32 -3.27
N GLU A 263 -0.90 -14.03 -3.49
CA GLU A 263 -0.27 -13.54 -4.71
C GLU A 263 1.22 -13.80 -4.73
N SER A 264 1.85 -14.01 -3.57
CA SER A 264 3.28 -14.26 -3.50
C SER A 264 3.71 -15.52 -4.25
N VAL A 265 2.78 -16.44 -4.51
CA VAL A 265 3.07 -17.63 -5.32
C VAL A 265 3.75 -17.22 -6.65
N ARG A 266 3.31 -16.10 -7.23
CA ARG A 266 3.81 -15.59 -8.53
C ARG A 266 5.22 -15.00 -8.47
N ILE A 267 5.64 -14.59 -7.28
CA ILE A 267 6.98 -14.01 -6.99
C ILE A 267 8.13 -14.94 -7.39
N PHE A 268 7.92 -16.24 -7.16
CA PHE A 268 8.95 -17.27 -7.37
C PHE A 268 9.00 -17.83 -8.78
N LEU A 269 8.00 -17.53 -9.59
CA LEU A 269 7.84 -18.16 -10.89
C LEU A 269 8.71 -17.40 -11.87
N PRO A 270 9.36 -18.08 -12.84
CA PRO A 270 10.27 -17.42 -13.80
C PRO A 270 9.60 -16.32 -14.58
N SER A 271 10.22 -15.14 -14.62
CA SER A 271 9.60 -13.94 -15.16
C SER A 271 9.16 -14.09 -16.60
N ARG A 272 7.94 -13.62 -16.89
CA ARG A 272 7.37 -13.60 -18.23
C ARG A 272 7.63 -14.92 -19.01
N SER A 273 7.50 -16.06 -18.32
CA SER A 273 7.79 -17.40 -18.88
C SER A 273 6.58 -18.13 -19.50
N GLY A 274 5.38 -17.79 -19.05
CA GLY A 274 4.18 -18.42 -19.55
C GLY A 274 3.91 -19.84 -19.04
N ILE A 275 4.54 -20.22 -17.91
CA ILE A 275 4.32 -21.55 -17.31
C ILE A 275 3.05 -21.68 -16.48
N SER A 276 2.36 -20.56 -16.25
CA SER A 276 1.24 -20.45 -15.31
C SER A 276 -0.02 -19.86 -15.90
N ALA A 277 -1.10 -19.96 -15.12
CA ALA A 277 -2.44 -19.42 -15.43
C ALA A 277 -2.52 -17.94 -15.09
N TYR A 278 -1.57 -17.43 -14.32
CA TYR A 278 -1.55 -16.01 -13.99
C TYR A 278 -1.32 -15.17 -15.24
N ASP A 279 -1.82 -13.93 -15.25
CA ASP A 279 -1.56 -13.09 -16.42
C ASP A 279 -0.07 -12.76 -16.63
N LEU A 280 0.71 -12.74 -15.54
CA LEU A 280 2.16 -12.57 -15.60
C LEU A 280 2.86 -13.19 -14.39
N GLU A 281 4.00 -13.83 -14.65
CA GLU A 281 4.88 -14.32 -13.61
C GLU A 281 5.90 -13.23 -13.34
N TYR A 282 6.23 -13.02 -12.06
CA TYR A 282 7.03 -11.89 -11.65
C TYR A 282 8.52 -12.15 -11.67
N GLY A 283 8.95 -13.31 -11.16
CA GLY A 283 10.37 -13.61 -11.11
C GLY A 283 11.14 -12.68 -10.17
N SER A 284 10.52 -12.25 -9.08
CA SER A 284 11.10 -11.26 -8.12
C SER A 284 12.03 -11.87 -7.06
N LEU A 285 11.94 -13.19 -6.86
CA LEU A 285 12.79 -13.88 -5.90
C LEU A 285 13.31 -15.17 -6.52
N ILE A 286 14.59 -15.15 -6.84
CA ILE A 286 15.24 -16.19 -7.59
C ILE A 286 16.41 -16.65 -6.71
N PRO A 287 16.57 -17.99 -6.50
CA PRO A 287 17.70 -18.44 -5.69
C PRO A 287 19.00 -18.29 -6.47
N THR A 288 20.12 -18.10 -5.76
CA THR A 288 21.39 -18.08 -6.43
C THR A 288 21.81 -19.51 -6.75
N LYS A 289 22.47 -19.65 -7.90
CA LYS A 289 23.16 -20.89 -8.28
C LYS A 289 24.12 -21.36 -7.17
N GLU A 290 24.84 -20.42 -6.56
CA GLU A 290 25.82 -20.71 -5.47
C GLU A 290 25.19 -21.31 -4.20
N PHE A 291 24.02 -20.81 -3.82
CA PHE A 291 23.31 -21.39 -2.70
C PHE A 291 22.78 -22.77 -3.03
N VAL A 292 22.16 -22.91 -4.20
CA VAL A 292 21.61 -24.21 -4.58
C VAL A 292 22.72 -25.25 -4.60
N GLU A 293 23.88 -24.89 -5.15
CA GLU A 293 24.99 -25.83 -5.29
C GLU A 293 25.77 -26.08 -3.98
N SER A 294 25.40 -25.36 -2.89
CA SER A 294 26.02 -25.54 -1.56
C SER A 294 25.44 -26.65 -0.70
N PHE A 295 24.28 -27.17 -1.08
CA PHE A 295 23.65 -28.29 -0.38
C PHE A 295 24.52 -29.53 -0.51
N GLU A 296 24.47 -30.39 0.50
CA GLU A 296 25.19 -31.64 0.54
C GLU A 296 24.82 -32.50 -0.68
N LYS A 297 25.80 -33.22 -1.23
CA LYS A 297 25.58 -34.14 -2.35
C LYS A 297 24.51 -35.14 -1.98
N GLY A 298 23.56 -35.41 -2.87
CA GLY A 298 22.46 -36.34 -2.56
C GLY A 298 21.31 -35.82 -1.68
N ASP A 299 21.32 -34.52 -1.38
CA ASP A 299 20.22 -33.92 -0.59
C ASP A 299 18.90 -33.98 -1.37
N LYS A 300 17.86 -34.57 -0.77
CA LYS A 300 16.54 -34.56 -1.38
C LYS A 300 16.04 -33.15 -1.74
N ARG A 301 16.40 -32.14 -0.94
CA ARG A 301 15.91 -30.78 -1.17
C ARG A 301 16.33 -30.19 -2.52
N THR A 302 17.46 -30.66 -3.05
CA THR A 302 17.95 -30.21 -4.36
C THR A 302 17.56 -31.14 -5.53
N GLU A 303 16.73 -32.14 -5.27
CA GLU A 303 16.20 -32.96 -6.36
C GLU A 303 15.10 -32.16 -7.07
N GLU A 304 14.98 -32.41 -8.37
CA GLU A 304 14.06 -31.66 -9.22
C GLU A 304 12.67 -31.67 -8.62
N LYS A 305 12.07 -30.47 -8.52
CA LYS A 305 10.72 -30.30 -7.98
C LYS A 305 10.55 -30.74 -6.52
N GLN A 306 11.59 -30.48 -5.73
CA GLN A 306 11.50 -30.49 -4.28
C GLN A 306 11.52 -29.03 -3.91
N TYR A 307 12.63 -28.48 -3.44
CA TYR A 307 12.66 -27.04 -3.14
C TYR A 307 12.90 -26.18 -4.37
N PHE A 308 13.50 -26.76 -5.40
CA PHE A 308 13.86 -26.04 -6.62
C PHE A 308 13.34 -26.75 -7.84
N PHE A 309 13.19 -26.00 -8.92
CA PHE A 309 12.88 -26.55 -10.25
C PHE A 309 13.60 -25.82 -11.35
N THR A 310 13.73 -26.50 -12.49
CA THR A 310 14.54 -26.05 -13.63
C THR A 310 13.84 -26.28 -14.98
N ASN A 311 12.72 -26.99 -14.98
CA ASN A 311 11.90 -27.12 -16.16
C ASN A 311 10.41 -27.19 -15.78
N TYR A 312 9.55 -26.88 -16.74
CA TYR A 312 8.09 -26.99 -16.56
C TYR A 312 7.49 -27.09 -17.95
N LYS A 313 6.19 -26.89 -18.10
CA LYS A 313 5.56 -26.85 -19.41
C LYS A 313 4.89 -25.49 -19.55
N GLY A 314 4.79 -24.99 -20.76
CA GLY A 314 4.04 -23.77 -21.04
C GLY A 314 2.56 -24.00 -20.77
N HIS A 315 1.90 -23.00 -20.23
CA HIS A 315 0.48 -23.14 -19.90
C HIS A 315 -0.34 -23.03 -21.21
N PRO A 316 -1.41 -23.84 -21.40
CA PRO A 316 -2.20 -23.78 -22.66
C PRO A 316 -2.81 -22.42 -23.02
N SER A 317 -2.99 -21.53 -22.05
CA SER A 317 -3.51 -20.19 -22.37
C SER A 317 -2.45 -19.24 -22.94
N LYS A 318 -1.18 -19.66 -22.87
CA LYS A 318 -0.06 -18.80 -23.16
C LYS A 318 0.66 -19.14 -24.50
N PHE A 319 0.43 -20.33 -25.04
CA PHE A 319 1.07 -20.77 -26.28
C PHE A 319 0.01 -21.36 -27.21
N SER A 320 0.22 -21.16 -28.52
CA SER A 320 -0.67 -21.69 -29.55
C SER A 320 -0.64 -23.22 -29.54
N PRO A 321 -1.78 -23.87 -29.87
CA PRO A 321 -1.79 -25.33 -29.91
C PRO A 321 -0.67 -25.90 -30.76
N GLY A 322 -0.12 -27.04 -30.33
CA GLY A 322 1.04 -27.63 -30.99
C GLY A 322 2.39 -26.93 -30.81
N ALA A 323 2.46 -25.85 -30.04
CA ALA A 323 3.76 -25.21 -29.70
C ALA A 323 4.59 -26.22 -28.87
N ALA A 324 5.90 -26.26 -29.11
CA ALA A 324 6.79 -27.18 -28.38
C ALA A 324 6.79 -26.90 -26.89
N GLU A 325 6.67 -25.62 -26.53
CA GLU A 325 6.67 -25.17 -25.11
C GLU A 325 5.62 -25.88 -24.28
N LEU A 326 4.50 -26.26 -24.89
CA LEU A 326 3.43 -26.98 -24.22
C LEU A 326 3.85 -28.35 -23.75
N GLU A 327 4.82 -28.97 -24.42
CA GLU A 327 5.32 -30.29 -24.03
C GLU A 327 6.40 -30.19 -22.96
N PHE A 328 7.29 -29.20 -23.12
CA PHE A 328 8.45 -29.09 -22.24
C PHE A 328 9.08 -27.72 -22.43
N ASP A 330 12.60 -25.85 -20.78
CA ASP A 330 13.76 -25.68 -19.96
C ASP A 330 13.71 -24.24 -19.47
N LEU A 331 13.76 -24.02 -18.16
CA LEU A 331 13.76 -22.65 -17.60
C LEU A 331 15.15 -22.03 -17.57
N ASN A 332 16.16 -22.82 -17.89
CA ASN A 332 17.56 -22.36 -18.01
C ASN A 332 18.08 -21.72 -16.72
N GLY A 333 17.77 -22.34 -15.58
CA GLY A 333 18.23 -21.84 -14.28
C GLY A 333 17.48 -22.50 -13.17
N TYR A 334 17.93 -22.27 -11.93
CA TYR A 334 17.17 -22.73 -10.77
C TYR A 334 16.11 -21.71 -10.38
N TYR A 335 14.92 -22.21 -10.04
CA TYR A 335 13.86 -21.41 -9.47
C TYR A 335 13.31 -22.11 -8.23
N ILE A 336 12.75 -21.31 -7.33
CA ILE A 336 12.13 -21.84 -6.13
C ILE A 336 10.80 -22.49 -6.42
N TYR A 337 10.73 -23.79 -6.12
CA TYR A 337 9.53 -24.63 -6.22
C TYR A 337 8.89 -24.89 -4.86
N LYS A 338 9.55 -24.48 -3.78
CA LYS A 338 9.11 -24.76 -2.38
C LYS A 338 7.65 -24.36 -2.09
N PHE A 339 7.17 -23.32 -2.76
CA PHE A 339 5.84 -22.75 -2.54
C PHE A 339 4.93 -22.83 -3.77
N PHE A 340 5.17 -23.83 -4.62
CA PHE A 340 4.47 -24.00 -5.88
C PHE A 340 3.10 -24.69 -5.67
N ASP A 341 2.11 -23.86 -5.37
CA ASP A 341 0.69 -24.24 -5.30
C ASP A 341 0.27 -24.61 -6.71
N GLN A 342 0.33 -25.91 -6.99
CA GLN A 342 0.19 -26.43 -8.32
C GLN A 342 -1.20 -26.19 -8.92
N VAL A 343 -2.24 -26.32 -8.11
CA VAL A 343 -3.59 -25.99 -8.56
C VAL A 343 -3.68 -24.51 -8.96
N ALA A 344 -3.05 -23.64 -8.18
CA ALA A 344 -3.08 -22.20 -8.47
C ALA A 344 -2.34 -21.90 -9.78
N VAL A 345 -1.17 -22.51 -9.93
CA VAL A 345 -0.29 -22.23 -11.06
C VAL A 345 -0.87 -22.83 -12.35
N ASP A 346 -1.31 -24.08 -12.30
CA ASP A 346 -1.81 -24.76 -13.48
C ASP A 346 -3.22 -24.40 -13.89
N ASN A 347 -4.07 -23.99 -12.95
CA ASN A 347 -5.50 -23.92 -13.22
CA ASN A 347 -5.51 -23.90 -13.23
C ASN A 347 -6.17 -22.61 -12.79
N THR A 348 -6.12 -22.29 -11.50
CA THR A 348 -7.02 -21.25 -11.01
C THR A 348 -6.45 -19.83 -10.93
N ALA A 349 -5.13 -19.67 -10.75
CA ALA A 349 -4.53 -18.33 -10.52
C ALA A 349 -5.08 -17.66 -9.26
N LYS A 350 -5.49 -18.48 -8.27
CA LYS A 350 -6.03 -18.03 -7.01
C LYS A 350 -5.55 -18.97 -5.91
N SER A 351 -4.36 -18.69 -5.38
CA SER A 351 -3.76 -19.56 -4.41
C SER A 351 -4.38 -19.36 -3.06
N ASP A 352 -4.75 -20.48 -2.45
CA ASP A 352 -5.23 -20.52 -1.06
C ASP A 352 -4.22 -21.22 -0.16
N LEU A 353 -2.94 -21.09 -0.51
CA LEU A 353 -1.83 -21.60 0.30
C LEU A 353 -1.41 -20.58 1.37
N ASN A 354 -1.41 -21.02 2.64
CA ASN A 354 -1.01 -20.14 3.77
C ASN A 354 0.49 -19.87 3.67
N TRP A 355 0.92 -18.76 4.27
CA TRP A 355 2.36 -18.42 4.46
C TRP A 355 2.72 -18.55 5.95
N SER A 356 3.71 -19.39 6.25
CA SER A 356 4.09 -19.60 7.65
C SER A 356 4.80 -18.45 8.34
N VAL A 357 4.41 -18.20 9.59
CA VAL A 357 5.18 -17.37 10.51
C VAL A 357 6.02 -18.29 11.43
N TYR A 358 5.39 -19.31 12.02
CA TYR A 358 6.14 -20.38 12.75
C TYR A 358 5.63 -21.75 12.34
N ARG A 359 6.55 -22.66 12.06
CA ARG A 359 6.24 -24.07 11.88
C ARG A 359 7.15 -24.92 12.76
N TYR A 360 6.76 -26.15 12.99
CA TYR A 360 7.45 -27.03 13.95
C TYR A 360 8.91 -27.26 13.64
N THR A 361 9.28 -27.38 12.37
CA THR A 361 10.72 -27.57 12.03
C THR A 361 11.61 -26.45 12.61
N ASP A 362 11.16 -25.20 12.49
CA ASP A 362 11.84 -24.03 13.03
C ASP A 362 11.96 -24.15 14.54
N VAL A 363 10.88 -24.56 15.20
CA VAL A 363 10.88 -24.68 16.65
C VAL A 363 11.87 -25.75 17.11
N LEU A 364 11.90 -26.91 16.44
CA LEU A 364 12.87 -27.97 16.73
C LEU A 364 14.34 -27.47 16.61
N LEU A 365 14.64 -26.77 15.53
CA LEU A 365 16.00 -26.26 15.35
C LEU A 365 16.29 -25.12 16.36
N TYR A 367 15.10 -25.17 19.42
CA TYR A 367 15.45 -25.96 20.61
C TYR A 367 16.91 -26.42 20.57
N ALA A 368 17.33 -27.09 19.48
CA ALA A 368 18.71 -27.57 19.33
C ALA A 368 19.72 -26.43 19.52
N GLU A 369 19.44 -25.27 18.92
CA GLU A 369 20.35 -24.12 19.02
C GLU A 369 20.45 -23.59 20.43
N ALA A 370 19.32 -23.31 21.05
CA ALA A 370 19.29 -22.82 22.43
C ALA A 370 19.94 -23.80 23.41
N GLN A 371 19.63 -25.08 23.24
CA GLN A 371 20.09 -26.14 24.15
C GLN A 371 21.61 -26.26 24.09
N VAL A 372 22.17 -26.33 22.89
CA VAL A 372 23.62 -26.43 22.77
C VAL A 372 24.34 -25.17 23.30
N ASN A 373 23.75 -24.01 23.10
CA ASN A 373 24.30 -22.77 23.59
C ASN A 373 24.22 -22.66 25.13
N ALA A 374 23.08 -23.05 25.71
CA ALA A 374 22.97 -23.06 27.18
C ALA A 374 23.90 -24.08 27.79
N ASP A 375 23.77 -25.34 27.36
CA ASP A 375 24.49 -26.46 27.99
C ASP A 375 25.93 -26.67 27.51
N GLY A 376 26.32 -26.05 26.41
CA GLY A 376 27.66 -26.22 25.85
C GLY A 376 27.90 -27.56 25.17
N THR A 377 26.87 -28.41 25.08
CA THR A 377 27.02 -29.76 24.52
C THR A 377 25.61 -30.26 24.14
N PRO A 378 25.46 -30.94 22.99
CA PRO A 378 24.12 -31.34 22.60
C PRO A 378 23.61 -32.50 23.46
N ASN A 379 22.34 -32.45 23.83
CA ASN A 379 21.67 -33.60 24.48
C ASN A 379 21.01 -34.48 23.39
N GLN A 380 20.42 -35.60 23.82
CA GLN A 380 19.86 -36.57 22.87
C GLN A 380 18.72 -35.99 22.04
N GLN A 381 17.92 -35.10 22.63
CA GLN A 381 16.77 -34.49 21.94
C GLN A 381 17.27 -33.66 20.75
N SER A 382 18.36 -32.92 20.95
CA SER A 382 18.93 -32.06 19.89
C SER A 382 19.57 -32.90 18.81
N ILE A 383 20.29 -33.95 19.21
CA ILE A 383 20.89 -34.89 18.28
C ILE A 383 19.81 -35.50 17.41
N ASP A 384 18.72 -35.96 18.04
CA ASP A 384 17.60 -36.57 17.31
C ASP A 384 16.95 -35.58 16.34
N ILE A 385 16.81 -34.30 16.73
CA ILE A 385 16.21 -33.26 15.87
C ILE A 385 17.03 -33.07 14.58
N VAL A 386 18.34 -32.92 14.72
CA VAL A 386 19.23 -32.79 13.58
C VAL A 386 19.16 -34.04 12.68
N ASN A 387 19.14 -35.23 13.28
CA ASN A 387 19.05 -36.46 12.47
C ASN A 387 17.71 -36.71 11.78
N GLN A 388 16.61 -36.26 12.40
CA GLN A 388 15.28 -36.34 11.78
CA GLN A 388 15.28 -36.33 11.77
C GLN A 388 15.20 -35.42 10.56
N ILE A 389 15.70 -34.19 10.69
CA ILE A 389 15.68 -33.19 9.60
C ILE A 389 16.58 -33.64 8.46
N ARG A 390 17.76 -34.14 8.80
CA ARG A 390 18.66 -34.72 7.83
C ARG A 390 18.05 -35.96 7.15
N GLY A 391 17.41 -36.84 7.93
CA GLY A 391 16.77 -38.07 7.39
C GLY A 391 15.66 -37.78 6.37
N ARG A 392 14.80 -36.81 6.67
CA ARG A 392 13.82 -36.35 5.72
C ARG A 392 14.48 -35.88 4.41
N ALA A 393 15.66 -35.24 4.51
CA ALA A 393 16.43 -34.83 3.33
C ALA A 393 17.26 -35.97 2.66
N GLY A 394 17.06 -37.22 3.08
CA GLY A 394 17.78 -38.35 2.50
C GLY A 394 19.25 -38.44 2.86
N LEU A 395 19.66 -37.69 3.89
CA LEU A 395 21.04 -37.62 4.34
C LEU A 395 21.27 -38.56 5.51
N ALA A 396 22.50 -39.08 5.59
CA ALA A 396 22.92 -39.92 6.69
C ALA A 396 22.96 -39.12 8.00
N PRO A 397 22.90 -39.84 9.16
CA PRO A 397 22.92 -39.09 10.43
C PRO A 397 24.21 -38.32 10.65
N PHE A 398 24.14 -37.28 11.45
CA PHE A 398 25.28 -36.41 11.70
C PHE A 398 26.22 -37.05 12.76
N LYS A 399 27.48 -37.21 12.39
CA LYS A 399 28.58 -37.63 13.29
C LYS A 399 29.12 -36.43 14.11
N GLN A 400 28.83 -36.37 15.42
CA GLN A 400 29.26 -35.22 16.23
CA GLN A 400 29.24 -35.25 16.27
C GLN A 400 30.75 -35.32 16.56
N THR A 401 31.38 -34.15 16.64
CA THR A 401 32.77 -34.04 17.04
C THR A 401 32.89 -33.07 18.24
N ASN A 402 32.20 -31.93 18.17
CA ASN A 402 32.18 -30.98 19.29
C ASN A 402 30.92 -30.08 19.30
N ALA A 403 30.76 -29.30 20.36
CA ALA A 403 29.61 -28.43 20.48
C ALA A 403 29.56 -27.39 19.36
N SER A 404 30.72 -26.87 18.96
CA SER A 404 30.80 -25.84 17.93
CA SER A 404 30.77 -25.84 17.92
C SER A 404 30.40 -26.41 16.56
N ALA A 405 30.93 -27.59 16.23
CA ALA A 405 30.55 -28.27 14.99
C ALA A 405 29.04 -28.59 15.01
N PHE A 406 28.50 -29.00 16.16
CA PHE A 406 27.06 -29.25 16.27
C PHE A 406 26.22 -27.98 16.09
N LEU A 407 26.62 -26.88 16.69
CA LEU A 407 25.93 -25.61 16.46
C LEU A 407 25.93 -25.22 14.98
N GLU A 408 27.05 -25.42 14.29
CA GLU A 408 27.12 -25.06 12.89
C GLU A 408 26.25 -25.98 12.01
N GLU A 409 26.12 -27.24 12.40
CA GLU A 409 25.21 -28.18 11.70
C GLU A 409 23.74 -27.78 11.90
N VAL A 410 23.37 -27.31 13.09
CA VAL A 410 22.00 -26.77 13.34
C VAL A 410 21.75 -25.55 12.44
N TRP A 411 22.73 -24.64 12.42
CA TRP A 411 22.69 -23.51 11.51
C TRP A 411 22.53 -24.00 10.07
N ASP A 412 23.32 -24.99 9.65
CA ASP A 412 23.23 -25.52 8.30
C ASP A 412 21.79 -25.95 7.96
N GLN A 413 21.19 -26.73 8.86
CA GLN A 413 19.84 -27.19 8.61
C GLN A 413 18.82 -26.04 8.62
N ARG A 414 19.09 -24.97 9.36
CA ARG A 414 18.26 -23.79 9.28
C ARG A 414 18.34 -23.18 7.88
N TYR A 415 19.55 -23.03 7.34
CA TYR A 415 19.71 -22.48 6.00
C TYR A 415 19.03 -23.41 4.98
N PHE A 416 19.33 -24.69 5.06
CA PHE A 416 18.90 -25.63 4.05
C PHE A 416 17.41 -25.95 4.10
N ASP A 417 16.86 -26.12 5.30
CA ASP A 417 15.47 -26.52 5.47
C ASP A 417 14.50 -25.35 5.47
N LEU A 418 14.91 -24.24 6.06
CA LEU A 418 14.06 -23.05 6.16
C LEU A 418 14.32 -21.95 5.10
N CYS A 419 15.06 -22.24 4.05
CA CYS A 419 15.39 -21.20 3.08
C CYS A 419 14.16 -20.57 2.47
N TYR A 420 14.24 -19.24 2.28
CA TYR A 420 13.24 -18.44 1.62
C TYR A 420 11.93 -18.35 2.38
N GLU A 421 11.99 -18.60 3.69
CA GLU A 421 10.84 -18.52 4.62
C GLU A 421 10.94 -17.35 5.58
N ASN A 422 11.77 -16.35 5.24
CA ASN A 422 11.93 -15.14 6.04
C ASN A 422 12.53 -15.41 7.42
N LYS A 423 13.43 -16.38 7.50
CA LYS A 423 14.14 -16.71 8.77
C LYS A 423 15.63 -16.43 8.76
N TRP A 425 17.61 -14.12 7.29
CA TRP A 425 18.13 -12.76 7.53
C TRP A 425 18.19 -12.51 9.05
N PHE A 426 17.11 -12.83 9.74
CA PHE A 426 17.08 -12.72 11.22
C PHE A 426 18.14 -13.61 11.92
N ASP A 427 18.36 -14.83 11.43
CA ASP A 427 19.50 -15.65 11.94
C ASP A 427 20.87 -14.94 11.78
N LEU A 429 21.44 -11.75 11.61
CA LEU A 429 21.54 -10.59 12.50
C LEU A 429 21.83 -11.00 13.96
N ARG A 430 21.20 -12.07 14.44
CA ARG A 430 21.38 -12.47 15.83
C ARG A 430 22.68 -13.22 16.11
N THR A 431 23.26 -13.86 15.08
CA THR A 431 24.56 -14.51 15.22
C THR A 431 25.70 -13.59 14.73
N ARG A 432 25.39 -12.60 13.89
CA ARG A 432 26.39 -11.81 13.13
C ARG A 432 27.38 -12.72 12.39
N LYS A 433 26.82 -13.80 11.82
CA LYS A 433 27.55 -14.75 11.00
C LYS A 433 26.77 -14.98 9.71
N ILE A 434 27.49 -15.12 8.61
CA ILE A 434 26.91 -15.44 7.30
C ILE A 434 27.58 -16.73 6.77
N ARG A 435 26.76 -17.70 6.38
CA ARG A 435 27.28 -18.92 5.80
C ARG A 435 27.82 -18.63 4.38
N ASP A 436 29.09 -18.92 4.14
CA ASP A 436 29.70 -18.77 2.84
C ASP A 436 29.38 -19.99 1.97
N ASP A 437 28.86 -19.76 0.77
CA ASP A 437 28.33 -20.87 -0.05
C ASP A 437 29.44 -21.83 -0.50
N LYS A 438 30.58 -21.28 -0.88
CA LYS A 438 31.67 -22.06 -1.44
C LYS A 438 32.33 -22.95 -0.39
N SER A 439 32.61 -22.40 0.79
CA SER A 439 33.41 -23.12 1.81
C SER A 439 32.55 -23.77 2.88
N GLY A 440 31.32 -23.29 3.04
CA GLY A 440 30.43 -23.77 4.07
C GLY A 440 30.79 -23.22 5.44
N GLU A 441 31.71 -22.25 5.50
CA GLU A 441 32.14 -21.68 6.77
C GLU A 441 31.26 -20.51 7.16
N TYR A 442 31.11 -20.32 8.47
CA TYR A 442 30.38 -19.21 9.02
C TYR A 442 31.37 -18.07 9.21
N VAL A 443 31.22 -17.01 8.42
CA VAL A 443 32.15 -15.88 8.45
C VAL A 443 31.45 -14.71 9.12
N ASP A 444 32.22 -13.74 9.63
CA ASP A 444 31.61 -12.61 10.28
C ASP A 444 30.79 -11.80 9.30
N PHE A 445 29.62 -11.37 9.78
CA PHE A 445 28.74 -10.52 9.00
C PHE A 445 29.51 -9.28 8.55
N ILE A 446 30.17 -8.60 9.49
CA ILE A 446 30.90 -7.35 9.21
C ILE A 446 32.22 -7.77 8.53
N GLY A 447 32.37 -7.43 7.25
CA GLY A 447 33.44 -7.96 6.42
C GLY A 447 33.00 -8.96 5.35
N TYR A 448 31.79 -9.54 5.46
CA TYR A 448 31.32 -10.47 4.38
C TYR A 448 31.31 -9.79 3.00
N LYS A 449 31.87 -10.47 2.01
CA LYS A 449 31.88 -10.02 0.61
C LYS A 449 30.88 -10.84 -0.19
N THR A 450 29.98 -10.16 -0.90
CA THR A 450 28.89 -10.86 -1.58
C THR A 450 29.39 -11.38 -2.91
N ASN A 451 28.54 -12.19 -3.56
CA ASN A 451 28.79 -12.67 -4.95
C ASN A 451 29.12 -11.54 -5.93
N TRP A 452 28.63 -10.33 -5.64
CA TRP A 452 28.77 -9.17 -6.54
C TRP A 452 29.85 -8.14 -6.10
N GLY A 453 30.78 -8.55 -5.24
CA GLY A 453 31.89 -7.68 -4.78
C GLY A 453 31.65 -6.68 -3.63
N LYS A 454 30.47 -6.69 -3.03
CA LYS A 454 30.12 -5.68 -1.99
C LYS A 454 30.46 -6.21 -0.60
N VAL A 455 30.89 -5.32 0.29
CA VAL A 455 31.33 -5.73 1.63
C VAL A 455 30.37 -5.19 2.69
N TYR A 456 29.83 -6.07 3.53
CA TYR A 456 28.90 -5.68 4.58
C TYR A 456 29.63 -4.97 5.71
N THR A 457 29.00 -3.91 6.22
CA THR A 457 29.48 -3.13 7.34
C THR A 457 28.44 -3.10 8.45
N GLU A 458 28.73 -2.37 9.52
CA GLU A 458 27.78 -2.15 10.62
CA GLU A 458 27.74 -2.18 10.61
C GLU A 458 26.42 -1.61 10.13
N THR A 459 26.44 -0.78 9.07
CA THR A 459 25.22 -0.21 8.47
C THR A 459 24.16 -1.25 8.10
N GLN A 460 24.61 -2.36 7.52
CA GLN A 460 23.70 -3.39 6.99
C GLN A 460 23.04 -4.24 8.09
N LEU A 461 23.50 -4.10 9.33
CA LEU A 461 22.84 -4.77 10.47
C LEU A 461 21.37 -4.34 10.72
N LEU A 462 20.99 -3.16 10.23
CA LEU A 462 19.62 -2.66 10.34
C LEU A 462 19.18 -2.04 9.03
N PHE A 463 17.86 -1.94 8.85
CA PHE A 463 17.27 -1.22 7.74
C PHE A 463 16.96 0.19 8.19
N PRO A 464 16.86 1.11 7.22
CA PRO A 464 16.63 2.51 7.60
C PRO A 464 15.19 2.74 8.06
N ILE A 465 15.04 3.77 8.86
CA ILE A 465 13.72 4.29 9.19
C ILE A 465 13.29 4.98 7.89
N PRO A 466 12.05 4.73 7.42
CA PRO A 466 11.58 5.35 6.16
C PRO A 466 11.57 6.87 6.17
N LEU A 467 11.98 7.45 5.05
CA LEU A 467 12.02 8.87 4.89
C LEU A 467 10.65 9.47 5.17
N SER A 468 9.56 8.85 4.69
CA SER A 468 8.23 9.41 4.95
C SER A 468 7.94 9.59 6.45
N GLU A 469 8.31 8.60 7.25
CA GLU A 469 8.11 8.63 8.71
C GLU A 469 8.95 9.71 9.37
N ARG A 470 10.20 9.86 8.93
CA ARG A 470 11.10 10.88 9.48
CA ARG A 470 11.10 10.88 9.48
C ARG A 470 10.68 12.30 9.11
N GLN A 471 10.15 12.49 7.88
CA GLN A 471 9.65 13.83 7.48
C GLN A 471 8.34 14.20 8.23
N ALA A 472 7.51 13.21 8.51
CA ALA A 472 6.29 13.37 9.34
C ALA A 472 6.62 13.66 10.81
N ASN A 473 7.72 13.09 11.29
CA ASN A 473 8.13 13.12 12.68
C ASN A 473 9.65 13.25 12.76
N PRO A 474 10.16 14.49 12.74
CA PRO A 474 11.59 14.66 12.90
C PRO A 474 12.15 14.28 14.27
N ASN A 475 11.31 13.93 15.25
CA ASN A 475 11.83 13.31 16.50
C ASN A 475 12.34 11.87 16.33
N LEU A 476 12.08 11.24 15.19
CA LEU A 476 12.69 9.95 14.87
C LEU A 476 14.12 10.13 14.37
N THR A 477 15.08 9.59 15.10
CA THR A 477 16.46 9.48 14.60
C THR A 477 16.54 8.43 13.47
N GLN A 478 17.73 8.33 12.85
CA GLN A 478 18.00 7.37 11.81
C GLN A 478 19.08 6.39 12.23
N ASN A 479 19.00 5.19 11.68
CA ASN A 479 20.03 4.20 11.86
C ASN A 479 21.31 4.65 11.18
N GLN A 480 22.43 4.37 11.87
CA GLN A 480 23.74 4.75 11.35
C GLN A 480 23.97 4.25 9.90
N GLY A 481 24.63 5.10 9.10
CA GLY A 481 24.92 4.80 7.69
C GLY A 481 23.87 5.24 6.72
N TYR A 482 22.69 5.64 7.20
CA TYR A 482 21.59 6.02 6.31
C TYR A 482 21.22 7.49 6.49
N LYS B 12 10.42 18.04 24.62
CA LYS B 12 10.54 19.52 24.75
C LYS B 12 10.30 20.23 23.38
N LEU B 13 9.25 19.81 22.67
CA LEU B 13 8.67 20.64 21.62
C LEU B 13 8.00 21.85 22.27
N THR B 14 8.13 23.02 21.64
CA THR B 14 7.34 24.17 22.04
C THR B 14 5.87 23.98 21.63
N SER B 15 5.00 24.84 22.18
CA SER B 15 3.58 24.78 21.88
C SER B 15 3.37 24.98 20.39
N LYS B 16 4.05 25.95 19.76
CA LYS B 16 3.83 26.09 18.28
C LYS B 16 4.27 24.86 17.48
N GLU B 17 5.41 24.30 17.82
CA GLU B 17 5.89 23.12 17.08
C GLU B 17 4.92 21.93 17.23
N SER B 18 4.40 21.72 18.46
CA SER B 18 3.42 20.65 18.71
C SER B 18 2.11 20.89 17.93
N ALA B 19 1.62 22.13 17.95
CA ALA B 19 0.42 22.51 17.25
C ALA B 19 0.61 22.36 15.74
N LEU B 20 1.76 22.80 15.21
CA LEU B 20 2.03 22.65 13.77
C LEU B 20 2.13 21.20 13.36
N ALA B 21 2.69 20.35 14.24
CA ALA B 21 2.83 18.92 13.92
C ALA B 21 1.46 18.27 13.83
N LEU B 22 0.57 18.66 14.73
CA LEU B 22 -0.79 18.14 14.71
C LEU B 22 -1.51 18.54 13.41
N THR B 23 -1.35 19.81 13.02
CA THR B 23 -2.00 20.32 11.84
C THR B 23 -1.46 19.66 10.58
N ASN B 24 -0.13 19.50 10.51
CA ASN B 24 0.53 18.81 9.39
C ASN B 24 0.11 17.38 9.27
N SER B 25 -0.26 16.77 10.40
CA SER B 25 -0.70 15.39 10.40
C SER B 25 -1.97 15.21 9.50
N ALA B 26 -2.83 16.24 9.39
CA ALA B 26 -4.02 16.18 8.52
C ALA B 26 -3.67 16.07 7.03
N TYR B 27 -2.52 16.62 6.66
CA TYR B 27 -2.07 16.56 5.26
C TYR B 27 -1.46 15.22 4.82
N LEU B 28 -1.09 14.36 5.77
CA LEU B 28 -0.27 13.19 5.46
C LEU B 28 -0.92 12.26 4.47
N LYS B 29 -2.21 12.04 4.64
CA LYS B 29 -2.94 11.11 3.78
C LYS B 29 -3.49 11.77 2.51
N ASN B 30 -3.04 13.00 2.22
CA ASN B 30 -3.27 13.57 0.89
C ASN B 30 -2.58 12.73 -0.21
N THR B 31 -1.68 11.86 0.19
CA THR B 31 -1.09 10.89 -0.74
C THR B 31 -2.18 10.13 -1.48
N VAL B 32 -3.35 9.91 -0.83
CA VAL B 32 -4.43 9.13 -1.44
C VAL B 32 -4.90 9.66 -2.78
N PHE B 33 -4.81 10.97 -2.97
CA PHE B 33 -5.31 11.59 -4.20
C PHE B 33 -4.39 11.33 -5.41
N ASN B 34 -3.15 10.91 -5.15
CA ASN B 34 -2.25 10.44 -6.23
C ASN B 34 -1.11 9.68 -5.61
N LYS B 35 -1.22 8.37 -5.64
CA LYS B 35 -0.14 7.53 -5.21
C LYS B 35 -0.16 6.18 -5.88
N THR B 37 -0.13 2.23 -6.04
CA THR B 37 -0.78 1.17 -5.27
C THR B 37 -0.21 -0.19 -5.72
N PRO B 38 -0.56 -1.27 -5.00
CA PRO B 38 0.05 -2.57 -5.36
C PRO B 38 -0.29 -3.01 -6.75
N GLY B 39 0.67 -3.66 -7.39
CA GLY B 39 0.57 -4.00 -8.80
C GLY B 39 1.61 -3.15 -9.46
N TRP B 40 1.60 -3.17 -10.79
CA TRP B 40 2.56 -2.42 -11.56
C TRP B 40 1.80 -1.44 -12.46
N GLY B 41 2.22 -0.18 -12.39
CA GLY B 41 1.51 0.93 -13.06
C GLY B 41 0.13 1.25 -12.47
N CYS B 42 -0.10 0.87 -11.23
CA CYS B 42 -1.38 1.07 -10.52
C CYS B 42 -1.23 2.29 -9.62
N ASN B 43 -2.25 3.15 -9.65
CA ASN B 43 -2.28 4.40 -8.89
C ASN B 43 -3.73 4.73 -8.56
N THR B 44 -3.98 5.36 -7.41
CA THR B 44 -5.32 5.76 -6.99
C THR B 44 -6.10 6.58 -8.04
N ILE B 45 -5.40 7.36 -8.88
CA ILE B 45 -6.07 8.25 -9.83
C ILE B 45 -6.81 7.43 -10.92
N LEU B 46 -6.42 6.18 -11.14
CA LEU B 46 -7.04 5.35 -12.17
C LEU B 46 -8.49 5.01 -11.86
N LEU B 47 -8.82 4.87 -10.59
CA LEU B 47 -10.20 4.58 -10.19
C LEU B 47 -11.21 5.59 -10.78
N LEU B 48 -10.82 6.85 -10.78
CA LEU B 48 -11.67 7.92 -11.25
C LEU B 48 -11.62 8.16 -12.75
N GLU B 49 -10.76 7.43 -13.45
CA GLU B 49 -10.67 7.51 -14.91
C GLU B 49 -11.16 6.27 -15.69
N TYR B 50 -11.15 5.11 -15.04
CA TYR B 50 -11.45 3.87 -15.73
C TYR B 50 -12.92 3.63 -16.07
N THR B 52 -15.12 6.37 -17.01
CA THR B 52 -15.61 7.43 -17.88
C THR B 52 -15.87 6.90 -19.30
N GLY B 53 -15.20 5.81 -19.66
CA GLY B 53 -15.27 5.32 -21.04
C GLY B 53 -14.34 6.07 -21.99
N LYS B 54 -13.55 7.02 -21.49
CA LYS B 54 -12.62 7.81 -22.34
C LYS B 54 -11.16 7.48 -22.09
N ALA B 55 -10.91 6.42 -21.33
CA ALA B 55 -9.54 5.95 -21.05
C ALA B 55 -9.51 4.42 -21.14
N THR B 56 -8.37 3.89 -21.58
CA THR B 56 -8.08 2.46 -21.54
C THR B 56 -6.66 2.28 -20.99
N SER B 57 -6.14 1.06 -21.06
CA SER B 57 -4.81 0.75 -20.56
C SER B 57 -4.09 -0.18 -21.52
N GLU B 58 -2.78 0.02 -21.67
CA GLU B 58 -1.91 -0.98 -22.32
C GLU B 58 -1.37 -1.98 -21.26
N ASN B 59 -1.46 -1.60 -19.97
CA ASN B 59 -0.97 -2.35 -18.80
C ASN B 59 -2.01 -3.43 -18.29
N SER B 60 -1.66 -4.70 -18.43
CA SER B 60 -2.52 -5.83 -18.01
C SER B 60 -2.75 -5.87 -16.49
N GLN B 61 -1.79 -5.33 -15.75
CA GLN B 61 -1.76 -5.42 -14.30
C GLN B 61 -2.54 -4.34 -13.55
N SER B 62 -3.19 -3.44 -14.29
CA SER B 62 -3.90 -2.30 -13.68
C SER B 62 -5.37 -2.60 -13.43
N ASN B 63 -5.81 -3.81 -13.76
CA ASN B 63 -7.19 -4.23 -13.52
C ASN B 63 -8.17 -3.45 -14.41
N TYR B 64 -7.71 -2.74 -15.46
CA TYR B 64 -8.61 -1.99 -16.37
C TYR B 64 -9.76 -2.89 -16.85
N LYS B 65 -9.44 -4.16 -17.09
CA LYS B 65 -10.40 -5.09 -17.62
C LYS B 65 -11.68 -5.21 -16.77
N ASP B 66 -11.56 -5.22 -15.44
CA ASP B 66 -12.79 -5.23 -14.59
C ASP B 66 -13.73 -4.07 -14.94
N PHE B 67 -13.17 -2.90 -15.20
CA PHE B 67 -13.91 -1.68 -15.45
C PHE B 67 -14.49 -1.70 -16.88
N GLN B 68 -13.67 -2.09 -17.86
CA GLN B 68 -14.11 -2.23 -19.27
C GLN B 68 -15.28 -3.24 -19.41
N ASP B 69 -15.22 -4.35 -18.68
CA ASP B 69 -16.22 -5.41 -18.74
C ASP B 69 -17.47 -5.19 -17.86
N LEU B 70 -17.55 -4.07 -17.17
CA LEU B 70 -18.58 -3.84 -16.13
C LEU B 70 -18.66 -5.02 -15.20
N LEU B 71 -17.47 -5.49 -14.77
CA LEU B 71 -17.31 -6.60 -13.82
C LEU B 71 -16.60 -6.15 -12.55
N VAL B 72 -16.68 -4.86 -12.24
CA VAL B 72 -16.13 -4.34 -11.00
C VAL B 72 -16.76 -5.08 -9.82
N SER B 73 -15.94 -5.40 -8.83
CA SER B 73 -16.38 -6.19 -7.67
C SER B 73 -15.73 -5.62 -6.42
N ASP B 74 -16.14 -6.14 -5.28
CA ASP B 74 -15.52 -5.80 -4.01
C ASP B 74 -14.03 -6.22 -3.90
N ARG B 75 -13.54 -7.06 -4.84
CA ARG B 75 -12.09 -7.37 -4.95
C ARG B 75 -11.32 -6.50 -5.95
N SER B 76 -11.98 -5.54 -6.57
CA SER B 76 -11.31 -4.69 -7.59
C SER B 76 -10.23 -3.84 -6.93
N LEU B 77 -9.27 -3.39 -7.72
CA LEU B 77 -8.16 -2.58 -7.23
C LEU B 77 -8.62 -1.19 -6.86
N TYR B 78 -7.76 -0.46 -6.13
CA TYR B 78 -7.91 0.97 -5.82
C TYR B 78 -8.87 1.30 -4.70
N ILE B 79 -10.02 0.65 -4.69
CA ILE B 79 -11.00 0.90 -3.65
C ILE B 79 -10.51 0.74 -2.21
N GLU B 80 -9.70 -0.28 -1.93
CA GLU B 80 -9.17 -0.48 -0.58
CA GLU B 80 -9.15 -0.47 -0.58
C GLU B 80 -8.29 0.71 -0.17
N ASP B 81 -7.47 1.20 -1.12
CA ASP B 81 -6.55 2.31 -0.85
C ASP B 81 -7.33 3.60 -0.58
N TRP B 82 -8.32 3.88 -1.40
CA TRP B 82 -9.16 5.07 -1.18
C TRP B 82 -9.84 5.02 0.17
N TRP B 83 -10.45 3.88 0.48
CA TRP B 83 -11.18 3.73 1.75
C TRP B 83 -10.25 3.87 2.93
N GLN B 84 -9.21 3.04 2.96
CA GLN B 84 -8.26 3.00 4.09
C GLN B 84 -7.55 4.34 4.34
N ASP B 85 -7.03 4.96 3.28
CA ASP B 85 -6.28 6.19 3.45
C ASP B 85 -7.17 7.38 3.78
N CYS B 86 -8.35 7.50 3.15
CA CYS B 86 -9.24 8.56 3.53
C CYS B 86 -9.62 8.44 5.02
N TYR B 87 -9.90 7.22 5.50
CA TYR B 87 -10.27 7.04 6.90
C TYR B 87 -9.09 7.23 7.82
N ALA B 88 -7.89 6.82 7.39
CA ALA B 88 -6.68 7.13 8.16
C ALA B 88 -6.52 8.65 8.28
N GLY B 89 -6.71 9.39 7.19
CA GLY B 89 -6.71 10.86 7.22
C GLY B 89 -7.73 11.48 8.16
N ILE B 90 -8.96 10.96 8.10
CA ILE B 90 -10.05 11.40 9.00
C ILE B 90 -9.67 11.18 10.44
N ALA B 91 -9.09 10.02 10.74
CA ALA B 91 -8.60 9.71 12.08
C ALA B 91 -7.51 10.68 12.54
N ASN B 92 -6.59 11.04 11.63
CA ASN B 92 -5.58 12.08 11.94
C ASN B 92 -6.24 13.42 12.25
N CYS B 93 -7.21 13.82 11.43
CA CYS B 93 -8.00 15.07 11.66
C CYS B 93 -8.75 15.10 12.99
N ASN B 94 -9.44 14.01 13.31
CA ASN B 94 -10.19 13.93 14.57
C ASN B 94 -9.26 14.03 15.75
N LEU B 95 -8.13 13.34 15.69
CA LEU B 95 -7.15 13.44 16.74
C LEU B 95 -6.56 14.85 16.86
N ALA B 96 -6.21 15.43 15.72
CA ALA B 96 -5.62 16.77 15.65
C ALA B 96 -6.58 17.82 16.21
N LEU B 97 -7.87 17.70 15.91
CA LEU B 97 -8.87 18.67 16.40
C LEU B 97 -9.06 18.53 17.88
N GLN B 98 -9.12 17.29 18.39
CA GLN B 98 -9.19 17.09 19.83
C GLN B 98 -8.00 17.79 20.54
N LYS B 99 -6.78 17.49 20.09
CA LYS B 99 -5.58 18.02 20.76
CA LYS B 99 -5.56 18.01 20.74
C LYS B 99 -5.41 19.52 20.54
N LEU B 100 -5.69 20.01 19.34
CA LEU B 100 -5.60 21.46 19.07
C LEU B 100 -6.57 22.24 19.99
N GLY B 101 -7.75 21.68 20.23
CA GLY B 101 -8.72 22.29 21.16
C GLY B 101 -8.29 22.40 22.60
N GLU B 102 -7.22 21.70 22.98
CA GLU B 102 -6.69 21.69 24.34
C GLU B 102 -5.61 22.72 24.59
N PHE B 103 -5.03 23.33 23.55
CA PHE B 103 -3.95 24.34 23.74
C PHE B 103 -4.53 25.57 24.43
N GLU B 104 -3.87 26.06 25.48
CA GLU B 104 -4.40 27.21 26.26
C GLU B 104 -3.59 28.49 26.07
N ASN B 105 -2.27 28.39 26.21
CA ASN B 105 -1.41 29.58 26.15
C ASN B 105 -0.94 30.02 24.76
N LEU B 106 -1.16 29.20 23.71
CA LEU B 106 -0.71 29.54 22.37
C LEU B 106 -1.74 30.43 21.68
N ASP B 107 -1.25 31.47 21.04
CA ASP B 107 -2.06 32.45 20.32
C ASP B 107 -3.35 31.88 19.67
N ALA B 108 -4.49 32.48 20.01
CA ALA B 108 -5.81 32.00 19.57
C ALA B 108 -6.00 32.04 18.05
N SER B 109 -5.44 33.06 17.40
CA SER B 109 -5.57 33.24 15.97
C SER B 109 -4.78 32.17 15.20
N LEU B 110 -3.57 31.91 15.68
CA LEU B 110 -2.71 30.86 15.13
C LEU B 110 -3.42 29.53 15.21
N VAL B 111 -3.94 29.17 16.38
CA VAL B 111 -4.63 27.85 16.58
C VAL B 111 -5.94 27.76 15.80
N ASN B 112 -6.63 28.90 15.67
CA ASN B 112 -7.88 28.99 14.90
C ASN B 112 -7.57 28.68 13.44
N GLY B 113 -6.50 29.26 12.90
CA GLY B 113 -6.12 28.97 11.53
C GLY B 113 -5.80 27.48 11.33
N TYR B 114 -5.01 26.90 12.24
CA TYR B 114 -4.68 25.46 12.22
C TYR B 114 -5.91 24.56 12.24
N ALA B 116 -8.86 25.33 11.20
CA ALA B 116 -9.50 25.50 9.89
C ALA B 116 -8.86 24.65 8.83
N GLU B 117 -7.52 24.51 8.85
CA GLU B 117 -6.84 23.66 7.90
C GLU B 117 -7.29 22.23 8.11
N VAL B 118 -7.40 21.81 9.35
CA VAL B 118 -7.76 20.41 9.67
C VAL B 118 -9.26 20.15 9.34
N LYS B 119 -10.14 21.10 9.61
CA LYS B 119 -11.56 20.94 9.29
C LYS B 119 -11.77 20.88 7.78
N PHE B 120 -11.06 21.73 7.03
CA PHE B 120 -11.04 21.63 5.57
C PHE B 120 -10.67 20.22 5.16
N ARG B 122 -10.76 17.33 6.83
CA ARG B 122 -11.76 16.34 7.18
C ARG B 122 -12.91 16.36 6.14
N ALA B 123 -13.36 17.55 5.78
CA ALA B 123 -14.39 17.72 4.74
C ALA B 123 -13.97 17.11 3.41
N LEU B 124 -12.71 17.34 3.05
CA LEU B 124 -12.15 16.87 1.82
C LEU B 124 -12.17 15.36 1.78
N TYR B 125 -11.63 14.71 2.80
CA TYR B 125 -11.58 13.25 2.82
C TYR B 125 -13.02 12.66 2.71
N TYR B 126 -13.94 13.18 3.51
CA TYR B 126 -15.35 12.78 3.46
C TYR B 126 -16.03 13.08 2.09
N PHE B 127 -15.66 14.18 1.41
CA PHE B 127 -16.26 14.52 0.10
C PHE B 127 -15.85 13.51 -0.98
N TYR B 128 -14.59 13.04 -0.92
CA TYR B 128 -14.20 11.91 -1.77
C TYR B 128 -14.93 10.62 -1.41
N LEU B 129 -14.94 10.25 -0.12
CA LEU B 129 -15.61 9.05 0.30
C LEU B 129 -17.07 8.97 -0.17
N VAL B 130 -17.86 10.02 0.08
CA VAL B 130 -19.27 9.95 -0.25
C VAL B 130 -19.54 9.90 -1.76
N ARG B 131 -18.70 10.53 -2.56
CA ARG B 131 -18.89 10.54 -4.02
C ARG B 131 -18.51 9.17 -4.61
N ILE B 132 -17.46 8.56 -4.07
CA ILE B 132 -16.97 7.25 -4.54
C ILE B 132 -17.82 6.09 -4.04
N PHE B 133 -18.13 6.10 -2.74
CA PHE B 133 -18.76 4.96 -2.07
C PHE B 133 -20.22 5.16 -1.60
N GLY B 134 -20.72 6.40 -1.64
CA GLY B 134 -22.08 6.69 -1.19
C GLY B 134 -22.11 6.73 0.33
N ASP B 135 -23.02 5.98 0.95
CA ASP B 135 -23.11 5.97 2.40
C ASP B 135 -21.80 5.44 2.98
N VAL B 136 -21.33 6.10 4.04
CA VAL B 136 -20.06 5.73 4.69
C VAL B 136 -20.17 6.02 6.20
N PRO B 137 -19.35 5.36 7.02
CA PRO B 137 -19.39 5.61 8.46
C PRO B 137 -19.15 7.08 8.82
N LYS B 138 -19.93 7.58 9.76
CA LYS B 138 -19.93 8.97 10.15
C LYS B 138 -19.09 9.06 11.42
N ILE B 139 -17.79 9.34 11.25
CA ILE B 139 -16.84 9.35 12.36
C ILE B 139 -16.19 10.71 12.55
N THR B 140 -16.52 11.32 13.68
CA THR B 140 -15.89 12.56 14.04
C THR B 140 -15.25 12.51 15.44
N THR B 141 -15.14 11.35 16.06
CA THR B 141 -14.56 11.24 17.39
C THR B 141 -13.32 10.36 17.29
N VAL B 142 -12.39 10.54 18.22
CA VAL B 142 -11.18 9.72 18.22
C VAL B 142 -11.61 8.26 18.50
N GLN B 143 -10.83 7.32 18.00
CA GLN B 143 -11.23 5.91 18.01
C GLN B 143 -11.49 5.36 19.41
N SER B 144 -10.69 5.78 20.40
CA SER B 144 -10.85 5.25 21.77
C SER B 144 -12.17 5.71 22.41
N GLU B 145 -12.77 6.79 21.90
CA GLU B 145 -14.03 7.32 22.41
C GLU B 145 -15.27 6.88 21.66
N LEU B 146 -15.11 6.15 20.55
CA LEU B 146 -16.24 5.45 19.92
C LEU B 146 -16.69 4.25 20.82
N GLY B 147 -18.00 4.08 20.95
CA GLY B 147 -18.58 3.02 21.76
C GLY B 147 -18.40 1.64 21.16
N GLU B 148 -18.64 1.53 19.85
CA GLU B 148 -18.51 0.25 19.12
C GLU B 148 -17.70 0.49 17.85
N LEU B 149 -16.63 -0.27 17.68
CA LEU B 149 -15.76 -0.11 16.52
C LEU B 149 -16.35 -0.73 15.24
N GLN B 150 -17.31 -1.66 15.40
CA GLN B 150 -18.06 -2.21 14.27
C GLN B 150 -19.16 -1.20 13.84
N VAL B 151 -18.69 -0.07 13.32
CA VAL B 151 -19.52 1.06 12.84
C VAL B 151 -20.36 0.68 11.61
N SER B 152 -21.43 1.41 11.41
CA SER B 152 -22.32 1.26 10.28
C SER B 152 -22.17 2.44 9.35
N ARG B 153 -22.57 2.23 8.10
CA ARG B 153 -22.59 3.28 7.10
C ARG B 153 -23.75 4.23 7.40
N ALA B 154 -23.50 5.54 7.35
CA ALA B 154 -24.52 6.57 7.55
C ALA B 154 -24.94 7.10 6.17
N PRO B 155 -26.20 7.60 6.04
CA PRO B 155 -26.64 8.23 4.79
C PRO B 155 -25.74 9.39 4.31
N VAL B 156 -25.50 9.39 3.00
CA VAL B 156 -24.77 10.45 2.33
C VAL B 156 -25.21 11.82 2.83
N LYS B 157 -26.53 12.06 2.91
CA LYS B 157 -27.06 13.36 3.36
C LYS B 157 -26.54 13.76 4.75
N GLU B 158 -26.41 12.80 5.67
CA GLU B 158 -25.90 13.08 7.00
C GLU B 158 -24.43 13.46 6.99
N ILE B 159 -23.64 12.81 6.12
CA ILE B 159 -22.20 13.11 6.00
C ILE B 159 -22.05 14.58 5.51
N TYR B 160 -22.78 14.96 4.48
CA TYR B 160 -22.81 16.36 4.04
C TYR B 160 -23.30 17.33 5.10
N ASP B 161 -24.49 17.06 5.66
CA ASP B 161 -25.14 18.00 6.58
C ASP B 161 -24.42 18.14 7.90
N GLU B 162 -23.79 17.07 8.37
CA GLU B 162 -23.22 17.06 9.70
C GLU B 162 -21.71 17.19 9.76
N ILE B 163 -21.01 16.88 8.70
CA ILE B 163 -19.53 16.89 8.72
C ILE B 163 -19.03 17.86 7.65
N ILE B 164 -19.27 17.54 6.38
CA ILE B 164 -18.61 18.27 5.30
C ILE B 164 -19.00 19.77 5.33
N ILE B 165 -20.31 20.06 5.33
CA ILE B 165 -20.74 21.45 5.22
C ILE B 165 -20.39 22.24 6.50
N PRO B 166 -20.70 21.72 7.73
CA PRO B 166 -20.28 22.51 8.90
C PRO B 166 -18.78 22.74 9.05
N ASP B 167 -17.99 21.75 8.70
CA ASP B 167 -16.51 21.94 8.73
C ASP B 167 -16.07 23.10 7.84
N LEU B 168 -16.62 23.14 6.63
CA LEU B 168 -16.25 24.18 5.65
C LEU B 168 -16.82 25.55 6.02
N LEU B 169 -18.04 25.60 6.56
CA LEU B 169 -18.61 26.90 7.01
C LEU B 169 -17.81 27.46 8.17
N GLU B 170 -17.37 26.60 9.09
CA GLU B 170 -16.48 27.02 10.16
C GLU B 170 -15.11 27.45 9.57
N ALA B 171 -14.49 26.65 8.71
CA ALA B 171 -13.22 27.06 8.08
C ALA B 171 -13.33 28.42 7.33
N GLU B 172 -14.47 28.64 6.71
CA GLU B 172 -14.79 29.92 6.04
C GLU B 172 -14.77 31.16 6.95
N GLN B 173 -15.15 30.97 8.22
CA GLN B 173 -15.17 32.07 9.20
C GLN B 173 -13.87 32.21 9.97
N SER B 174 -12.84 31.48 9.59
CA SER B 174 -11.60 31.44 10.34
C SER B 174 -10.59 32.53 9.89
N ASP B 175 -9.43 32.56 10.56
CA ASP B 175 -8.35 33.46 10.20
C ASP B 175 -7.42 32.96 9.05
N LEU B 176 -7.78 31.90 8.31
CA LEU B 176 -6.98 31.46 7.13
C LEU B 176 -6.70 32.54 6.12
N ALA B 177 -5.48 32.54 5.56
CA ALA B 177 -5.07 33.44 4.49
C ALA B 177 -5.80 33.06 3.21
N PHE B 178 -6.03 34.02 2.29
CA PHE B 178 -6.84 33.69 1.11
C PHE B 178 -6.16 32.79 0.14
N SER B 179 -4.85 32.99 -0.02
CA SER B 179 -4.07 32.10 -0.86
C SER B 179 -2.80 31.72 -0.13
N ASP B 180 -2.16 30.70 -0.65
CA ASP B 180 -0.90 30.24 -0.10
C ASP B 180 -0.24 29.57 -1.27
N HIS B 181 0.96 30.05 -1.61
CA HIS B 181 1.75 29.59 -2.76
CA HIS B 181 1.68 29.52 -2.77
C HIS B 181 2.82 28.59 -2.31
N THR B 182 2.65 28.02 -1.11
CA THR B 182 3.59 27.04 -0.54
C THR B 182 2.98 25.64 -0.45
N GLY B 183 1.66 25.47 -0.68
CA GLY B 183 1.02 24.17 -0.54
C GLY B 183 0.06 24.02 0.65
N ARG B 184 0.01 25.01 1.55
CA ARG B 184 -0.92 24.90 2.67
C ARG B 184 -2.35 25.20 2.24
N VAL B 185 -3.30 24.69 3.03
CA VAL B 185 -4.70 25.04 2.90
C VAL B 185 -4.86 26.56 3.02
N SER B 186 -5.69 27.12 2.16
CA SER B 186 -6.00 28.56 2.14
C SER B 186 -7.50 28.75 2.05
N GLY B 188 -8.95 30.19 -0.36
CA GLY B 188 -9.20 29.83 -1.72
C GLY B 188 -9.59 28.36 -1.88
N ALA B 189 -8.86 27.48 -1.22
CA ALA B 189 -9.13 26.05 -1.20
C ALA B 189 -10.46 25.76 -0.55
N VAL B 190 -10.69 26.37 0.61
CA VAL B 190 -11.94 26.24 1.33
C VAL B 190 -13.14 26.62 0.44
N LYS B 191 -13.06 27.77 -0.25
CA LYS B 191 -14.11 28.22 -1.16
C LYS B 191 -14.29 27.33 -2.40
N ALA B 192 -13.18 26.89 -3.00
CA ALA B 192 -13.23 25.99 -4.16
C ALA B 192 -13.96 24.69 -3.78
N LEU B 193 -13.58 24.12 -2.64
CA LEU B 193 -14.16 22.84 -2.19
C LEU B 193 -15.61 23.05 -1.84
N LEU B 194 -15.94 24.13 -1.12
CA LEU B 194 -17.31 24.36 -0.74
C LEU B 194 -18.19 24.65 -1.97
N ALA B 195 -17.66 25.33 -2.98
CA ALA B 195 -18.41 25.52 -4.23
C ALA B 195 -18.76 24.16 -4.85
N ASP B 196 -17.79 23.25 -4.84
CA ASP B 196 -17.96 21.91 -5.39
C ASP B 196 -18.97 21.08 -4.55
N VAL B 197 -18.84 21.14 -3.23
CA VAL B 197 -19.76 20.49 -2.30
C VAL B 197 -21.21 20.92 -2.53
N TYR B 198 -21.45 22.22 -2.55
CA TYR B 198 -22.82 22.72 -2.77
C TYR B 198 -23.37 22.40 -4.18
N LEU B 199 -22.54 22.55 -5.21
CA LEU B 199 -22.91 22.19 -6.58
C LEU B 199 -23.29 20.70 -6.68
N THR B 200 -22.50 19.85 -6.03
CA THR B 200 -22.74 18.42 -6.04
C THR B 200 -23.99 18.07 -5.26
N TYR B 201 -24.18 18.68 -4.09
CA TYR B 201 -25.43 18.56 -3.31
C TYR B 201 -26.68 18.92 -4.14
N ALA B 202 -26.57 19.95 -4.96
CA ALA B 202 -27.69 20.35 -5.83
C ALA B 202 -27.97 19.27 -6.90
N GLY B 203 -26.92 18.55 -7.31
CA GLY B 203 -27.07 17.44 -8.28
C GLY B 203 -27.32 16.11 -7.61
N TYR B 204 -26.97 15.02 -8.31
CA TYR B 204 -27.24 13.69 -7.80
C TYR B 204 -26.10 13.22 -6.89
N PRO B 205 -26.42 12.39 -5.88
CA PRO B 205 -27.73 11.82 -5.56
C PRO B 205 -28.70 12.66 -4.73
N LEU B 206 -28.23 13.70 -4.05
CA LEU B 206 -29.08 14.42 -3.09
C LEU B 206 -30.20 15.33 -3.65
N GLN B 207 -29.95 16.00 -4.78
CA GLN B 207 -30.91 16.90 -5.41
C GLN B 207 -31.46 17.92 -4.40
N GLY B 208 -30.57 18.65 -3.76
CA GLY B 208 -30.94 19.46 -2.59
C GLY B 208 -31.82 20.68 -2.83
N GLY B 209 -31.75 21.24 -4.01
CA GLY B 209 -32.53 22.42 -4.38
C GLY B 209 -31.72 23.45 -5.16
N LYS B 210 -32.46 24.35 -5.81
CA LYS B 210 -31.90 25.52 -6.47
C LYS B 210 -31.03 26.34 -5.52
N SER B 211 -31.43 26.41 -4.24
CA SER B 211 -30.69 27.26 -3.29
C SER B 211 -29.23 26.77 -3.08
N TYR B 212 -28.97 25.47 -3.26
CA TYR B 212 -27.61 24.91 -3.23
C TYR B 212 -26.75 25.40 -4.40
N TYR B 213 -27.32 25.58 -5.58
CA TYR B 213 -26.59 26.19 -6.70
C TYR B 213 -26.21 27.64 -6.36
N ALA B 214 -27.14 28.38 -5.74
CA ALA B 214 -26.89 29.77 -5.42
C ALA B 214 -25.78 29.89 -4.39
N GLU B 215 -25.77 28.99 -3.41
CA GLU B 215 -24.70 28.98 -2.41
C GLU B 215 -23.37 28.54 -3.00
N SER B 216 -23.37 27.62 -3.98
CA SER B 216 -22.10 27.26 -4.71
C SER B 216 -21.53 28.50 -5.42
N ALA B 217 -22.38 29.15 -6.19
CA ALA B 217 -21.97 30.29 -7.01
C ALA B 217 -21.38 31.41 -6.17
N LYS B 218 -21.90 31.65 -4.95
CA LYS B 218 -21.34 32.67 -4.05
CA LYS B 218 -21.34 32.67 -4.05
C LYS B 218 -19.87 32.42 -3.76
N ARG B 219 -19.51 31.15 -3.55
CA ARG B 219 -18.11 30.82 -3.20
C ARG B 219 -17.18 30.93 -4.38
N SER B 220 -17.57 30.42 -5.53
CA SER B 220 -16.70 30.49 -6.70
C SER B 220 -16.52 31.95 -7.14
N LEU B 221 -17.58 32.74 -7.02
CA LEU B 221 -17.46 34.21 -7.31
C LEU B 221 -16.49 34.92 -6.34
N GLU B 222 -16.45 34.51 -5.08
CA GLU B 222 -15.51 35.06 -4.11
C GLU B 222 -14.07 34.76 -4.52
N VAL B 223 -13.81 33.56 -5.03
CA VAL B 223 -12.49 33.24 -5.58
C VAL B 223 -12.15 34.14 -6.80
N ILE B 224 -13.11 34.31 -7.72
CA ILE B 224 -12.94 35.20 -8.85
C ILE B 224 -12.63 36.63 -8.39
N LYS B 225 -13.45 37.18 -7.47
CA LYS B 225 -13.31 38.60 -7.08
C LYS B 225 -12.06 38.86 -6.23
N SER B 226 -11.52 37.83 -5.61
CA SER B 226 -10.29 37.92 -4.84
C SER B 226 -9.08 38.38 -5.66
N ASN B 227 -9.05 38.07 -6.97
CA ASN B 227 -7.91 38.39 -7.85
C ASN B 227 -6.63 37.71 -7.40
N GLU B 228 -6.73 36.66 -6.58
CA GLU B 228 -5.55 35.94 -6.10
C GLU B 228 -5.05 34.89 -7.08
N TYR B 229 -5.90 34.50 -8.02
CA TYR B 229 -5.61 33.48 -9.00
C TYR B 229 -5.84 34.04 -10.41
N THR B 230 -5.04 33.58 -11.37
CA THR B 230 -5.11 33.99 -12.77
CA THR B 230 -5.15 33.99 -12.76
C THR B 230 -5.04 32.76 -13.66
N LEU B 231 -5.71 32.82 -14.81
CA LEU B 231 -5.72 31.71 -15.77
C LEU B 231 -4.33 31.61 -16.40
N PHE B 232 -3.84 30.40 -16.60
CA PHE B 232 -2.65 30.19 -17.45
C PHE B 232 -2.95 30.61 -18.89
N THR B 233 -1.95 31.15 -19.57
CA THR B 233 -2.15 31.54 -20.98
C THR B 233 -1.86 30.36 -21.87
N ASP B 234 -1.06 29.41 -21.40
CA ASP B 234 -0.88 28.18 -22.16
C ASP B 234 -0.77 26.92 -21.29
N TYR B 235 -1.06 25.80 -21.93
CA TYR B 235 -1.24 24.50 -21.28
C TYR B 235 0.02 23.94 -20.65
N GLU B 236 1.18 24.42 -21.10
CA GLU B 236 2.47 23.94 -20.56
C GLU B 236 2.61 24.13 -19.05
N SER B 237 1.95 25.13 -18.47
CA SER B 237 2.03 25.34 -17.03
C SER B 237 1.53 24.16 -16.22
N LEU B 238 0.64 23.34 -16.82
CA LEU B 238 0.11 22.18 -16.13
C LEU B 238 1.13 21.07 -15.95
N ARG B 239 2.27 21.16 -16.66
CA ARG B 239 3.31 20.13 -16.55
C ARG B 239 4.69 20.73 -16.23
N LEU B 240 4.70 21.96 -15.72
CA LEU B 240 5.94 22.64 -15.34
C LEU B 240 6.06 22.67 -13.82
N PRO B 241 7.04 21.96 -13.25
CA PRO B 241 7.22 22.06 -11.79
C PRO B 241 7.38 23.50 -11.25
N SER B 242 8.00 24.40 -12.00
CA SER B 242 8.13 25.79 -11.55
C SER B 242 6.79 26.46 -11.23
N GLN B 243 5.69 25.97 -11.80
CA GLN B 243 4.38 26.56 -11.59
C GLN B 243 3.64 25.98 -10.38
N ASN B 244 4.23 25.01 -9.68
CA ASN B 244 3.64 24.39 -8.51
C ASN B 244 3.10 25.44 -7.54
N ASN B 245 1.84 25.26 -7.14
CA ASN B 245 1.17 26.12 -6.16
C ASN B 245 0.94 27.57 -6.58
N LYS B 246 1.15 27.92 -7.86
CA LYS B 246 1.02 29.29 -8.37
C LYS B 246 0.02 29.36 -9.51
N GLY B 247 -0.26 30.58 -9.95
CA GLY B 247 -1.10 30.78 -11.11
C GLY B 247 -2.52 30.34 -10.86
N GLU B 248 -2.93 29.24 -11.49
CA GLU B 248 -4.27 28.72 -11.28
C GLU B 248 -4.37 27.82 -10.06
N PHE B 249 -3.26 27.27 -9.59
CA PHE B 249 -3.32 26.13 -8.66
C PHE B 249 -3.77 26.62 -7.28
N ILE B 250 -4.82 26.00 -6.76
CA ILE B 250 -5.44 26.42 -5.47
C ILE B 250 -5.11 25.39 -4.36
N TYR B 251 -5.24 24.12 -4.67
CA TYR B 251 -4.85 23.06 -3.76
C TYR B 251 -4.30 21.89 -4.55
N GLN B 252 -3.11 21.42 -4.17
CA GLN B 252 -2.48 20.32 -4.86
C GLN B 252 -1.85 19.31 -3.91
N VAL B 253 -1.68 18.10 -4.43
CA VAL B 253 -0.81 17.07 -3.86
C VAL B 253 0.63 17.51 -4.19
N GLN B 254 1.48 17.51 -3.16
CA GLN B 254 2.85 18.05 -3.24
C GLN B 254 3.86 16.97 -3.59
N PHE B 255 4.65 17.22 -4.62
CA PHE B 255 5.75 16.37 -5.02
C PHE B 255 7.01 17.26 -5.14
N SER B 256 8.13 16.79 -4.62
CA SER B 256 9.37 17.55 -4.69
C SER B 256 10.54 16.61 -4.69
N LEU B 257 11.66 17.09 -5.20
CA LEU B 257 12.88 16.29 -5.19
C LEU B 257 13.30 15.80 -3.77
N ASN B 258 13.16 16.68 -2.77
CA ASN B 258 13.51 16.33 -1.37
C ASN B 258 12.43 15.55 -0.60
N LYS B 259 11.21 15.43 -1.14
CA LYS B 259 10.14 14.62 -0.53
C LYS B 259 9.65 13.51 -1.48
N ARG B 260 8.34 13.37 -1.70
CA ARG B 260 7.79 12.35 -2.60
CA ARG B 260 7.79 12.37 -2.60
C ARG B 260 7.98 12.79 -4.04
N HIS B 261 8.33 11.85 -4.89
CA HIS B 261 8.45 12.10 -6.33
C HIS B 261 7.17 11.69 -7.00
N ASN B 262 6.84 12.36 -8.10
CA ASN B 262 5.57 12.11 -8.80
C ASN B 262 5.77 10.96 -9.77
N GLU B 263 5.48 9.76 -9.30
CA GLU B 263 5.58 8.55 -10.14
C GLU B 263 4.43 8.39 -11.12
N SER B 264 3.33 9.12 -10.96
CA SER B 264 2.21 9.08 -11.88
C SER B 264 2.56 9.63 -13.27
N VAL B 265 3.58 10.47 -13.35
CA VAL B 265 4.12 10.89 -14.67
C VAL B 265 4.30 9.68 -15.62
N ARG B 266 4.74 8.52 -15.09
CA ARG B 266 4.99 7.27 -15.89
C ARG B 266 3.71 6.53 -16.32
N ILE B 267 2.61 6.81 -15.65
CA ILE B 267 1.29 6.20 -15.92
C ILE B 267 0.83 6.51 -17.35
N PHE B 268 1.11 7.72 -17.80
CA PHE B 268 0.60 8.23 -19.11
C PHE B 268 1.51 7.92 -20.28
N LEU B 269 2.72 7.42 -19.98
CA LEU B 269 3.72 7.20 -21.02
C LEU B 269 3.47 5.85 -21.71
N PRO B 270 3.67 5.78 -23.03
CA PRO B 270 3.33 4.57 -23.79
C PRO B 270 4.14 3.37 -23.32
N SER B 271 3.46 2.26 -23.08
CA SER B 271 4.06 1.13 -22.40
C SER B 271 5.25 0.58 -23.15
N ARG B 272 6.30 0.31 -22.39
CA ARG B 272 7.53 -0.27 -22.93
C ARG B 272 8.01 0.39 -24.23
N SER B 273 7.93 1.74 -24.30
CA SER B 273 8.29 2.47 -25.53
C SER B 273 9.75 2.91 -25.58
N GLY B 274 10.40 3.01 -24.41
CA GLY B 274 11.77 3.52 -24.34
C GLY B 274 11.95 5.02 -24.54
N ILE B 275 10.89 5.81 -24.33
CA ILE B 275 10.97 7.25 -24.55
C ILE B 275 11.53 8.01 -23.36
N SER B 276 11.65 7.35 -22.21
CA SER B 276 11.95 8.02 -20.97
C SER B 276 13.19 7.48 -20.30
N ALA B 277 13.67 8.25 -19.33
CA ALA B 277 14.76 7.87 -18.41
C ALA B 277 14.28 6.91 -17.32
N TYR B 278 12.97 6.71 -17.21
CA TYR B 278 12.48 5.74 -16.24
C TYR B 278 12.88 4.34 -16.67
N ASP B 279 12.98 3.44 -15.70
CA ASP B 279 13.35 2.06 -16.03
CA ASP B 279 13.31 2.04 -15.97
C ASP B 279 12.28 1.40 -16.90
N LEU B 280 11.01 1.76 -16.70
CA LEU B 280 9.92 1.27 -17.56
C LEU B 280 8.75 2.27 -17.56
N GLU B 281 8.15 2.47 -18.73
CA GLU B 281 6.93 3.29 -18.90
C GLU B 281 5.73 2.37 -18.70
N TYR B 282 4.69 2.85 -18.03
CA TYR B 282 3.59 1.99 -17.67
C TYR B 282 2.45 1.88 -18.69
N GLY B 283 2.04 2.99 -19.30
CA GLY B 283 0.89 3.02 -20.22
C GLY B 283 -0.45 2.58 -19.61
N SER B 284 -0.61 2.88 -18.34
CA SER B 284 -1.78 2.48 -17.54
C SER B 284 -3.01 3.35 -17.84
N LEU B 285 -2.80 4.56 -18.39
CA LEU B 285 -3.90 5.48 -18.70
C LEU B 285 -3.67 6.09 -20.06
N ILE B 286 -4.47 5.62 -21.01
CA ILE B 286 -4.36 5.94 -22.42
C ILE B 286 -5.67 6.56 -22.87
N PRO B 287 -5.62 7.70 -23.59
CA PRO B 287 -6.90 8.30 -24.04
C PRO B 287 -7.48 7.49 -25.18
N THR B 288 -8.81 7.48 -25.30
CA THR B 288 -9.43 6.80 -26.44
C THR B 288 -9.31 7.67 -27.67
N LYS B 289 -9.22 7.02 -28.82
CA LYS B 289 -9.28 7.71 -30.10
C LYS B 289 -10.59 8.49 -30.26
N GLU B 290 -11.71 7.90 -29.79
CA GLU B 290 -13.01 8.52 -29.92
C GLU B 290 -13.06 9.82 -29.12
N PHE B 291 -12.48 9.83 -27.91
CA PHE B 291 -12.46 11.08 -27.14
C PHE B 291 -11.56 12.16 -27.75
N VAL B 292 -10.34 11.79 -28.12
CA VAL B 292 -9.42 12.73 -28.75
C VAL B 292 -10.06 13.35 -30.01
N GLU B 293 -10.72 12.52 -30.82
CA GLU B 293 -11.30 12.98 -32.08
C GLU B 293 -12.66 13.70 -31.93
N SER B 294 -13.19 13.76 -30.71
CA SER B 294 -14.43 14.49 -30.37
C SER B 294 -14.22 15.99 -30.17
N PHE B 295 -12.97 16.45 -30.09
CA PHE B 295 -12.70 17.88 -29.92
C PHE B 295 -13.10 18.65 -31.19
N GLU B 296 -13.41 19.93 -31.02
CA GLU B 296 -13.78 20.85 -32.10
C GLU B 296 -12.60 20.95 -33.08
N LYS B 297 -12.86 21.06 -34.39
CA LYS B 297 -11.75 21.17 -35.37
C LYS B 297 -10.95 22.47 -35.06
N GLY B 298 -9.62 22.36 -35.11
CA GLY B 298 -8.72 23.47 -34.78
C GLY B 298 -8.50 23.76 -33.30
N ASP B 299 -9.00 22.91 -32.42
CA ASP B 299 -8.82 23.09 -30.97
C ASP B 299 -7.34 22.95 -30.64
N LYS B 300 -6.76 23.96 -29.99
CA LYS B 300 -5.32 23.90 -29.61
C LYS B 300 -5.04 22.70 -28.69
N ARG B 301 -6.02 22.28 -27.90
CA ARG B 301 -5.80 21.15 -27.00
C ARG B 301 -5.41 19.86 -27.73
N THR B 302 -5.86 19.70 -28.98
CA THR B 302 -5.56 18.50 -29.78
C THR B 302 -4.40 18.72 -30.76
N GLU B 303 -3.73 19.87 -30.71
CA GLU B 303 -2.46 20.04 -31.46
C GLU B 303 -1.38 19.24 -30.77
N GLU B 304 -0.45 18.72 -31.56
CA GLU B 304 0.60 17.84 -31.02
C GLU B 304 1.37 18.50 -29.90
N LYS B 305 1.57 17.74 -28.82
CA LYS B 305 2.28 18.17 -27.60
C LYS B 305 1.65 19.33 -26.83
N GLN B 306 0.31 19.39 -26.91
CA GLN B 306 -0.47 20.16 -25.98
C GLN B 306 -1.00 19.13 -24.97
N TYR B 307 -2.27 18.72 -25.06
CA TYR B 307 -2.82 17.70 -24.16
C TYR B 307 -2.48 16.28 -24.59
N PHE B 308 -2.19 16.08 -25.89
CA PHE B 308 -1.84 14.76 -26.39
C PHE B 308 -0.57 14.76 -27.21
N PHE B 309 0.01 13.57 -27.37
CA PHE B 309 1.15 13.39 -28.25
C PHE B 309 1.09 12.03 -28.92
N THR B 310 1.78 11.95 -30.05
CA THR B 310 1.79 10.78 -30.93
C THR B 310 3.18 10.38 -31.43
N ASN B 311 4.20 11.15 -31.08
CA ASN B 311 5.59 10.83 -31.41
C ASN B 311 6.52 11.39 -30.33
N TYR B 312 7.64 10.73 -30.11
CA TYR B 312 8.70 11.25 -29.20
C TYR B 312 9.97 10.46 -29.43
N LYS B 313 11.13 11.09 -29.29
CA LYS B 313 12.40 10.36 -29.52
C LYS B 313 12.61 9.23 -28.48
N GLY B 314 13.29 8.16 -28.91
CA GLY B 314 13.79 7.15 -27.99
C GLY B 314 14.86 7.77 -27.09
N HIS B 315 14.88 7.36 -25.82
CA HIS B 315 15.86 7.83 -24.86
C HIS B 315 17.24 7.17 -25.08
N PRO B 316 18.34 7.93 -24.91
CA PRO B 316 19.69 7.35 -25.17
C PRO B 316 20.09 6.14 -24.32
N SER B 317 19.51 6.01 -23.13
CA SER B 317 19.68 4.81 -22.29
C SER B 317 18.95 3.54 -22.80
N LYS B 318 18.03 3.68 -23.75
CA LYS B 318 17.17 2.59 -24.18
C LYS B 318 17.48 2.09 -25.60
N PHE B 319 18.20 2.85 -26.39
CA PHE B 319 18.55 2.44 -27.74
C PHE B 319 20.03 2.59 -27.95
N SER B 320 20.60 1.69 -28.76
CA SER B 320 22.02 1.71 -29.10
C SER B 320 22.35 2.98 -29.90
N PRO B 321 23.59 3.51 -29.77
CA PRO B 321 23.97 4.75 -30.48
C PRO B 321 23.80 4.66 -32.00
N GLY B 322 23.32 5.75 -32.61
CA GLY B 322 22.96 5.77 -34.03
C GLY B 322 21.64 5.12 -34.42
N ALA B 323 20.84 4.67 -33.46
CA ALA B 323 19.50 4.16 -33.77
C ALA B 323 18.66 5.32 -34.35
N ALA B 324 17.89 5.02 -35.40
CA ALA B 324 16.94 5.94 -35.99
C ALA B 324 15.92 6.45 -34.94
N GLU B 325 15.55 5.58 -34.00
CA GLU B 325 14.60 5.91 -32.90
C GLU B 325 15.07 7.09 -32.06
N LEU B 326 16.39 7.24 -31.93
CA LEU B 326 16.98 8.37 -31.20
C LEU B 326 16.69 9.71 -31.85
N GLU B 327 16.39 9.72 -33.16
CA GLU B 327 16.06 10.94 -33.89
C GLU B 327 14.56 11.21 -33.81
N PHE B 328 13.78 10.15 -33.97
CA PHE B 328 12.33 10.25 -34.14
C PHE B 328 11.67 8.88 -33.95
N ASP B 330 7.55 7.39 -34.06
CA ASP B 330 6.12 7.47 -34.12
C ASP B 330 5.62 6.49 -33.09
N LEU B 331 4.72 6.96 -32.24
CA LEU B 331 4.11 6.09 -31.20
C LEU B 331 2.88 5.28 -31.66
N ASN B 332 2.41 5.52 -32.88
CA ASN B 332 1.28 4.80 -33.46
C ASN B 332 0.00 4.86 -32.58
N GLY B 333 -0.25 6.03 -31.99
CA GLY B 333 -1.45 6.19 -31.20
C GLY B 333 -1.43 7.50 -30.47
N TYR B 334 -2.56 7.84 -29.86
CA TYR B 334 -2.65 9.03 -29.00
C TYR B 334 -2.28 8.68 -27.57
N TYR B 335 -1.51 9.53 -26.93
CA TYR B 335 -1.15 9.40 -25.53
C TYR B 335 -1.33 10.77 -24.88
N ILE B 336 -1.58 10.76 -23.57
CA ILE B 336 -1.73 12.00 -22.81
C ILE B 336 -0.36 12.65 -22.53
N TYR B 337 -0.21 13.92 -22.96
CA TYR B 337 1.00 14.75 -22.82
C TYR B 337 0.79 15.82 -21.77
N LYS B 338 -0.44 15.90 -21.25
CA LYS B 338 -0.87 16.98 -20.40
C LYS B 338 0.00 17.13 -19.15
N PHE B 339 0.53 16.01 -18.64
CA PHE B 339 1.33 15.95 -17.43
C PHE B 339 2.76 15.52 -17.67
N PHE B 340 3.24 15.80 -18.87
CA PHE B 340 4.54 15.36 -19.31
C PHE B 340 5.62 16.29 -18.74
N ASP B 341 6.07 15.96 -17.51
CA ASP B 341 7.21 16.63 -16.86
C ASP B 341 8.47 16.31 -17.68
N GLN B 342 8.83 17.23 -18.56
CA GLN B 342 9.86 16.96 -19.57
C GLN B 342 11.24 16.65 -19.01
N VAL B 343 11.63 17.41 -17.99
CA VAL B 343 12.89 17.16 -17.27
C VAL B 343 12.90 15.78 -16.64
N ALA B 344 11.78 15.36 -16.02
CA ALA B 344 11.71 14.04 -15.43
C ALA B 344 11.85 12.92 -16.49
N VAL B 345 11.11 13.07 -17.57
CA VAL B 345 11.04 12.02 -18.61
C VAL B 345 12.37 11.93 -19.37
N ASP B 346 12.97 13.08 -19.70
CA ASP B 346 14.18 13.14 -20.52
C ASP B 346 15.46 12.88 -19.75
N ASN B 347 15.50 13.29 -18.49
CA ASN B 347 16.76 13.37 -17.76
CA ASN B 347 16.76 13.36 -17.75
C ASN B 347 16.75 12.66 -16.40
N THR B 348 15.88 13.10 -15.49
CA THR B 348 16.02 12.72 -14.09
C THR B 348 15.32 11.48 -13.59
N ALA B 349 14.20 11.09 -14.22
CA ALA B 349 13.25 10.10 -13.72
C ALA B 349 12.77 10.40 -12.27
N LYS B 350 12.74 11.68 -11.90
CA LYS B 350 12.33 12.08 -10.55
C LYS B 350 11.48 13.33 -10.68
N SER B 351 10.20 13.15 -10.90
CA SER B 351 9.30 14.29 -11.12
C SER B 351 8.93 15.03 -9.85
N ASP B 352 9.02 16.34 -9.92
CA ASP B 352 8.60 17.27 -8.86
C ASP B 352 7.43 18.14 -9.31
N LEU B 353 6.62 17.55 -10.17
CA LEU B 353 5.38 18.13 -10.65
C LEU B 353 4.24 17.83 -9.70
N ASN B 354 3.59 18.88 -9.20
CA ASN B 354 2.43 18.69 -8.36
C ASN B 354 1.25 18.12 -9.15
N TRP B 355 0.30 17.51 -8.42
CA TRP B 355 -0.99 17.04 -8.94
C TRP B 355 -2.12 17.84 -8.32
N SER B 356 -2.92 18.47 -9.16
CA SER B 356 -3.99 19.37 -8.68
C SER B 356 -5.14 18.66 -8.06
N VAL B 357 -5.66 19.24 -6.98
CA VAL B 357 -6.98 18.88 -6.45
C VAL B 357 -7.98 19.96 -6.93
N TYR B 358 -7.64 21.23 -6.74
CA TYR B 358 -8.43 22.34 -7.32
C TYR B 358 -7.53 23.33 -8.03
N ARG B 359 -7.96 23.76 -9.22
CA ARG B 359 -7.34 24.86 -9.95
C ARG B 359 -8.40 25.84 -10.46
N TYR B 360 -7.95 27.04 -10.75
CA TYR B 360 -8.83 28.15 -11.08
C TYR B 360 -9.79 27.88 -12.24
N THR B 361 -9.31 27.26 -13.32
CA THR B 361 -10.20 26.92 -14.45
C THR B 361 -11.44 26.16 -14.01
N ASP B 362 -11.22 25.15 -13.15
CA ASP B 362 -12.32 24.38 -12.55
C ASP B 362 -13.31 25.32 -11.82
N VAL B 363 -12.79 26.15 -10.92
CA VAL B 363 -13.63 27.08 -10.16
C VAL B 363 -14.45 28.01 -11.07
N LEU B 364 -13.85 28.48 -12.14
CA LEU B 364 -14.55 29.32 -13.12
C LEU B 364 -15.72 28.58 -13.76
N LEU B 365 -15.47 27.33 -14.18
CA LEU B 365 -16.49 26.54 -14.81
C LEU B 365 -17.59 26.17 -13.80
N TYR B 367 -18.54 28.12 -11.34
CA TYR B 367 -19.34 29.35 -11.23
C TYR B 367 -20.38 29.41 -12.35
N ALA B 368 -19.93 29.20 -13.58
CA ALA B 368 -20.82 29.26 -14.75
C ALA B 368 -21.94 28.22 -14.68
N GLU B 369 -21.59 27.01 -14.25
CA GLU B 369 -22.57 25.95 -14.10
C GLU B 369 -23.58 26.29 -12.99
N ALA B 370 -23.10 26.66 -11.82
CA ALA B 370 -24.00 26.96 -10.70
C ALA B 370 -24.87 28.19 -11.00
N GLN B 371 -24.30 29.20 -11.64
CA GLN B 371 -25.01 30.44 -11.94
C GLN B 371 -26.14 30.23 -12.92
N VAL B 372 -25.88 29.51 -14.02
CA VAL B 372 -26.93 29.24 -14.99
C VAL B 372 -28.06 28.41 -14.38
N ASN B 373 -27.71 27.46 -13.50
CA ASN B 373 -28.70 26.67 -12.78
C ASN B 373 -29.49 27.52 -11.76
N ALA B 374 -28.81 28.36 -11.00
CA ALA B 374 -29.47 29.21 -9.98
C ALA B 374 -30.44 30.24 -10.60
N ASP B 375 -29.98 30.92 -11.64
CA ASP B 375 -30.69 32.02 -12.30
C ASP B 375 -31.53 31.66 -13.53
N GLY B 376 -31.32 30.48 -14.10
CA GLY B 376 -32.02 30.03 -15.30
C GLY B 376 -31.53 30.63 -16.61
N THR B 377 -30.51 31.48 -16.54
CA THR B 377 -30.00 32.22 -17.69
C THR B 377 -28.53 32.61 -17.42
N PRO B 378 -27.64 32.48 -18.42
CA PRO B 378 -26.25 32.92 -18.16
C PRO B 378 -26.11 34.44 -17.96
N ASN B 379 -25.34 34.88 -16.96
CA ASN B 379 -24.95 36.28 -16.85
C ASN B 379 -23.66 36.52 -17.64
N GLN B 380 -23.27 37.79 -17.75
CA GLN B 380 -22.08 38.16 -18.51
C GLN B 380 -20.80 37.51 -17.95
N GLN B 381 -20.70 37.40 -16.62
CA GLN B 381 -19.54 36.73 -16.02
C GLN B 381 -19.40 35.28 -16.48
N SER B 382 -20.51 34.54 -16.55
CA SER B 382 -20.48 33.15 -17.03
C SER B 382 -20.13 33.06 -18.53
N ILE B 383 -20.65 34.00 -19.33
CA ILE B 383 -20.39 34.02 -20.76
C ILE B 383 -18.90 34.26 -21.01
N ASP B 384 -18.33 35.24 -20.30
CA ASP B 384 -16.91 35.57 -20.41
C ASP B 384 -16.00 34.42 -19.98
N ILE B 385 -16.41 33.65 -18.96
CA ILE B 385 -15.64 32.46 -18.51
C ILE B 385 -15.53 31.44 -19.66
N VAL B 386 -16.67 31.13 -20.26
CA VAL B 386 -16.71 30.16 -21.33
C VAL B 386 -15.87 30.65 -22.53
N ASN B 387 -15.97 31.93 -22.87
CA ASN B 387 -15.20 32.50 -23.99
C ASN B 387 -13.69 32.67 -23.73
N GLN B 388 -13.29 32.92 -22.49
CA GLN B 388 -11.86 32.92 -22.11
C GLN B 388 -11.25 31.51 -22.21
N ILE B 389 -11.98 30.49 -21.80
CA ILE B 389 -11.51 29.08 -21.91
C ILE B 389 -11.50 28.60 -23.35
N ARG B 390 -12.55 28.94 -24.12
CA ARG B 390 -12.57 28.69 -25.57
C ARG B 390 -11.45 29.44 -26.30
N GLY B 391 -11.28 30.72 -25.94
CA GLY B 391 -10.23 31.58 -26.51
C GLY B 391 -8.83 31.02 -26.34
N ARG B 392 -8.54 30.52 -25.13
CA ARG B 392 -7.26 29.86 -24.85
C ARG B 392 -7.01 28.62 -25.75
N ALA B 393 -8.11 27.95 -26.09
CA ALA B 393 -8.11 26.77 -26.96
C ALA B 393 -8.12 27.15 -28.44
N GLY B 394 -8.05 28.46 -28.72
CA GLY B 394 -8.01 28.97 -30.08
C GLY B 394 -9.35 28.84 -30.80
N LEU B 395 -10.43 28.74 -30.05
CA LEU B 395 -11.78 28.65 -30.61
C LEU B 395 -12.49 30.00 -30.52
N ALA B 396 -13.43 30.23 -31.44
CA ALA B 396 -14.19 31.46 -31.51
C ALA B 396 -15.18 31.52 -30.35
N PRO B 397 -15.67 32.73 -30.01
CA PRO B 397 -16.65 32.86 -28.91
C PRO B 397 -17.89 31.98 -29.09
N PHE B 398 -18.52 31.58 -27.99
CA PHE B 398 -19.68 30.71 -28.04
C PHE B 398 -20.89 31.41 -28.67
N LYS B 399 -21.63 30.71 -29.53
CA LYS B 399 -22.90 31.26 -30.10
C LYS B 399 -24.04 30.98 -29.10
N GLN B 400 -24.49 32.03 -28.41
CA GLN B 400 -25.56 31.88 -27.43
C GLN B 400 -26.92 31.60 -28.10
N THR B 401 -27.64 30.62 -27.56
CA THR B 401 -29.01 30.34 -27.97
C THR B 401 -29.88 30.32 -26.72
N ASN B 402 -29.86 29.23 -25.96
CA ASN B 402 -30.68 29.11 -24.76
C ASN B 402 -29.83 28.63 -23.55
N ALA B 403 -30.40 28.77 -22.35
CA ALA B 403 -29.75 28.37 -21.10
C ALA B 403 -29.27 26.91 -21.11
N SER B 404 -30.07 26.02 -21.67
CA SER B 404 -29.75 24.59 -21.68
CA SER B 404 -29.74 24.58 -21.68
C SER B 404 -28.51 24.33 -22.56
N ALA B 405 -28.47 24.96 -23.73
CA ALA B 405 -27.32 24.88 -24.61
C ALA B 405 -26.11 25.48 -23.91
N PHE B 406 -26.29 26.55 -23.16
CA PHE B 406 -25.14 27.17 -22.47
C PHE B 406 -24.57 26.21 -21.39
N LEU B 407 -25.46 25.62 -20.58
CA LEU B 407 -25.05 24.57 -19.62
C LEU B 407 -24.27 23.43 -20.29
N GLU B 408 -24.74 22.96 -21.44
CA GLU B 408 -24.03 21.89 -22.13
C GLU B 408 -22.66 22.33 -22.66
N GLU B 409 -22.53 23.60 -23.05
CA GLU B 409 -21.23 24.16 -23.44
C GLU B 409 -20.26 24.20 -22.24
N VAL B 410 -20.77 24.53 -21.06
CA VAL B 410 -19.98 24.54 -19.85
C VAL B 410 -19.45 23.13 -19.59
N TRP B 411 -20.34 22.14 -19.71
CA TRP B 411 -19.98 20.75 -19.56
C TRP B 411 -18.93 20.37 -20.62
N ASP B 412 -19.13 20.76 -21.89
CA ASP B 412 -18.12 20.50 -22.92
C ASP B 412 -16.74 20.99 -22.51
N GLN B 413 -16.66 22.22 -22.02
CA GLN B 413 -15.36 22.77 -21.63
C GLN B 413 -14.78 22.07 -20.40
N ARG B 414 -15.64 21.58 -19.51
CA ARG B 414 -15.17 20.75 -18.41
C ARG B 414 -14.52 19.46 -18.93
N TYR B 415 -15.17 18.79 -19.86
CA TYR B 415 -14.58 17.59 -20.45
C TYR B 415 -13.26 17.85 -21.19
N PHE B 416 -13.28 18.85 -22.05
CA PHE B 416 -12.16 19.16 -22.93
C PHE B 416 -10.97 19.81 -22.21
N ASP B 417 -11.27 20.74 -21.32
CA ASP B 417 -10.23 21.45 -20.55
C ASP B 417 -9.71 20.67 -19.38
N LEU B 418 -10.60 19.96 -18.68
CA LEU B 418 -10.22 19.24 -17.44
C LEU B 418 -10.03 17.73 -17.59
N CYS B 419 -9.94 17.23 -18.84
CA CYS B 419 -9.82 15.78 -19.04
C CYS B 419 -8.61 15.20 -18.30
N TYR B 420 -8.83 14.01 -17.72
CA TYR B 420 -7.80 13.23 -17.03
C TYR B 420 -7.25 13.88 -15.74
N GLU B 421 -8.03 14.79 -15.14
CA GLU B 421 -7.67 15.45 -13.88
C GLU B 421 -8.55 14.97 -12.71
N ASN B 422 -9.17 13.79 -12.83
CA ASN B 422 -10.07 13.22 -11.83
C ASN B 422 -11.29 14.12 -11.49
N LYS B 423 -11.84 14.80 -12.51
CA LYS B 423 -13.07 15.59 -12.42
C LYS B 423 -14.28 15.03 -13.19
N TRP B 425 -15.48 11.85 -14.01
CA TRP B 425 -16.30 10.84 -13.36
C TRP B 425 -17.27 11.47 -12.34
N PHE B 426 -16.76 12.35 -11.49
CA PHE B 426 -17.60 13.07 -10.55
C PHE B 426 -18.66 13.92 -11.25
N ASP B 427 -18.30 14.54 -12.38
CA ASP B 427 -19.30 15.28 -13.15
C ASP B 427 -20.41 14.37 -13.61
N LEU B 429 -21.43 11.47 -12.30
CA LEU B 429 -22.31 11.07 -11.21
C LEU B 429 -23.29 12.14 -10.77
N ARG B 430 -22.85 13.40 -10.72
CA ARG B 430 -23.74 14.45 -10.21
C ARG B 430 -24.77 14.97 -11.20
N THR B 431 -24.49 14.82 -12.49
CA THR B 431 -25.43 15.11 -13.55
C THR B 431 -26.16 13.86 -14.03
N ARG B 432 -25.59 12.68 -13.80
CA ARG B 432 -26.11 11.45 -14.38
C ARG B 432 -26.29 11.57 -15.89
N LYS B 433 -25.39 12.32 -16.53
CA LYS B 433 -25.28 12.42 -17.98
C LYS B 433 -23.83 12.08 -18.36
N ILE B 434 -23.69 11.55 -19.57
CA ILE B 434 -22.42 11.15 -20.15
C ILE B 434 -22.37 11.74 -21.54
N ARG B 435 -21.31 12.47 -21.84
CA ARG B 435 -21.14 13.05 -23.18
C ARG B 435 -20.76 11.95 -24.18
N ASP B 436 -21.59 11.76 -25.17
CA ASP B 436 -21.29 10.79 -26.24
C ASP B 436 -20.30 11.39 -27.25
N ASP B 437 -19.22 10.67 -27.52
CA ASP B 437 -18.12 11.21 -28.32
C ASP B 437 -18.50 11.51 -29.78
N LYS B 438 -19.21 10.59 -30.39
CA LYS B 438 -19.58 10.69 -31.81
C LYS B 438 -20.53 11.86 -32.09
N SER B 439 -21.62 11.96 -31.33
CA SER B 439 -22.66 12.98 -31.53
C SER B 439 -22.47 14.25 -30.72
N GLY B 440 -21.66 14.20 -29.67
CA GLY B 440 -21.58 15.33 -28.73
C GLY B 440 -22.78 15.49 -27.82
N GLU B 441 -23.75 14.58 -27.87
CA GLU B 441 -24.94 14.69 -27.00
C GLU B 441 -24.70 14.17 -25.59
N TYR B 442 -25.38 14.79 -24.63
CA TYR B 442 -25.36 14.31 -23.27
C TYR B 442 -26.46 13.28 -23.11
N VAL B 443 -26.08 12.01 -22.96
CA VAL B 443 -27.03 10.93 -22.82
C VAL B 443 -27.17 10.52 -21.34
N ASP B 444 -28.30 9.93 -21.00
CA ASP B 444 -28.50 9.44 -19.63
C ASP B 444 -27.46 8.38 -19.26
N PHE B 445 -26.93 8.52 -18.04
CA PHE B 445 -25.91 7.62 -17.53
C PHE B 445 -26.46 6.21 -17.50
N ILE B 446 -27.66 6.07 -16.96
CA ILE B 446 -28.33 4.76 -16.91
C ILE B 446 -28.85 4.49 -18.32
N GLY B 447 -28.28 3.47 -18.96
CA GLY B 447 -28.56 3.16 -20.35
C GLY B 447 -27.41 3.43 -21.30
N TYR B 448 -26.38 4.20 -20.90
CA TYR B 448 -25.26 4.51 -21.81
C TYR B 448 -24.50 3.24 -22.20
N LYS B 449 -24.22 3.12 -23.51
CA LYS B 449 -23.52 1.99 -24.13
C LYS B 449 -22.11 2.46 -24.45
N THR B 450 -21.12 1.78 -23.88
CA THR B 450 -19.71 2.13 -24.06
C THR B 450 -19.20 1.72 -25.43
N ASN B 451 -17.99 2.21 -25.77
CA ASN B 451 -17.25 1.76 -26.97
C ASN B 451 -17.20 0.23 -27.11
N TRP B 452 -17.19 -0.49 -25.98
CA TRP B 452 -17.02 -1.93 -25.98
C TRP B 452 -18.32 -2.72 -25.72
N GLY B 453 -19.48 -2.09 -25.91
CA GLY B 453 -20.77 -2.79 -25.89
C GLY B 453 -21.45 -2.96 -24.53
N LYS B 454 -20.90 -2.38 -23.48
CA LYS B 454 -21.46 -2.54 -22.12
C LYS B 454 -22.44 -1.41 -21.80
N VAL B 455 -23.49 -1.76 -21.07
CA VAL B 455 -24.55 -0.82 -20.70
C VAL B 455 -24.51 -0.50 -19.21
N TYR B 456 -24.43 0.79 -18.88
CA TYR B 456 -24.33 1.24 -17.50
C TYR B 456 -25.70 1.14 -16.88
N THR B 457 -25.72 0.72 -15.61
CA THR B 457 -26.94 0.58 -14.84
C THR B 457 -26.79 1.41 -13.57
N GLU B 458 -27.78 1.32 -12.69
CA GLU B 458 -27.74 1.95 -11.36
C GLU B 458 -26.48 1.54 -10.59
N THR B 459 -26.06 0.29 -10.75
CA THR B 459 -24.88 -0.26 -10.04
C THR B 459 -23.62 0.57 -10.18
N GLN B 460 -23.41 1.09 -11.40
CA GLN B 460 -22.19 1.85 -11.76
C GLN B 460 -22.16 3.28 -11.20
N LEU B 461 -23.27 3.74 -10.63
CA LEU B 461 -23.32 5.06 -9.95
C LEU B 461 -22.41 5.18 -8.70
N LEU B 462 -22.03 4.05 -8.10
CA LEU B 462 -21.07 4.00 -7.02
C LEU B 462 -20.11 2.85 -7.19
N PHE B 463 -19.00 2.90 -6.44
CA PHE B 463 -18.02 1.83 -6.39
C PHE B 463 -18.33 1.00 -5.15
N PRO B 464 -17.91 -0.28 -5.15
CA PRO B 464 -18.18 -1.15 -4.01
C PRO B 464 -17.39 -0.82 -2.77
N ILE B 465 -17.97 -1.13 -1.63
CA ILE B 465 -17.24 -1.13 -0.36
C ILE B 465 -16.24 -2.29 -0.46
N PRO B 466 -14.94 -2.07 -0.13
CA PRO B 466 -13.96 -3.17 -0.28
C PRO B 466 -14.26 -4.40 0.52
N LEU B 467 -14.06 -5.55 -0.11
CA LEU B 467 -14.23 -6.81 0.58
C LEU B 467 -13.46 -6.88 1.91
N SER B 468 -12.20 -6.41 1.95
CA SER B 468 -11.41 -6.52 3.20
C SER B 468 -12.09 -5.81 4.38
N GLU B 469 -12.69 -4.66 4.08
CA GLU B 469 -13.38 -3.84 5.06
C GLU B 469 -14.67 -4.48 5.54
N ARG B 470 -15.39 -5.11 4.61
CA ARG B 470 -16.64 -5.79 4.97
C ARG B 470 -16.42 -7.04 5.78
N GLN B 471 -15.32 -7.76 5.49
CA GLN B 471 -14.99 -8.99 6.23
C GLN B 471 -14.46 -8.66 7.64
N ALA B 472 -13.73 -7.54 7.75
CA ALA B 472 -13.29 -6.99 9.05
C ALA B 472 -14.47 -6.40 9.90
N ASN B 473 -15.51 -5.93 9.21
CA ASN B 473 -16.65 -5.29 9.85
C ASN B 473 -17.94 -5.66 9.09
N PRO B 474 -18.61 -6.75 9.51
CA PRO B 474 -19.84 -7.13 8.83
C PRO B 474 -21.04 -6.20 9.08
N ASN B 475 -20.91 -5.17 9.91
CA ASN B 475 -21.94 -4.09 9.99
C ASN B 475 -21.93 -3.13 8.80
N LEU B 476 -20.93 -3.25 7.91
CA LEU B 476 -20.90 -2.42 6.73
C LEU B 476 -21.75 -3.16 5.68
N THR B 477 -22.81 -2.51 5.22
CA THR B 477 -23.55 -3.00 4.09
C THR B 477 -22.75 -2.76 2.80
N GLN B 478 -23.27 -3.28 1.69
CA GLN B 478 -22.67 -3.13 0.39
C GLN B 478 -23.57 -2.29 -0.52
N ASN B 479 -22.95 -1.69 -1.53
CA ASN B 479 -23.70 -0.95 -2.52
C ASN B 479 -24.41 -1.91 -3.45
N GLN B 480 -25.61 -1.52 -3.88
CA GLN B 480 -26.43 -2.35 -4.76
C GLN B 480 -25.68 -2.81 -6.04
N GLY B 481 -25.87 -4.09 -6.38
CA GLY B 481 -25.20 -4.70 -7.53
C GLY B 481 -23.87 -5.39 -7.28
N TYR B 482 -23.31 -5.22 -6.07
CA TYR B 482 -22.03 -5.82 -5.76
C TYR B 482 -22.11 -6.82 -4.61
#